data_9HNP
#
_entry.id   9HNP
#
loop_
_entity.id
_entity.type
_entity.pdbx_description
1 polymer 'PTS system glucose-specific EIICB component'
2 non-polymer DODECYL-BETA-D-MALTOSIDE
#
_entity_poly.entity_id   1
_entity_poly.type   'polypeptide(L)'
_entity_poly.pdbx_seq_one_letter_code
;MFKNAFANLQKVGKSLMLPVSVLPIAGILLGVGSANFSWLPAVVSHVMAEAGGSVFANMPLIFAIGVALGFTNNDGVSAL
AAVVAYGIMVKTMAVVAPLVLHLPAEEIASKHLADTGVLGGIISGAIAAYMFNRFYRIKLPEYLGFFAGKRFVPIISGLA
AIFTGVVLSFIWPPIGSAIQTFSQWAAYQNPVVAFGIYGFIERCLVPFGLHHIWNVPFQMQIGEYTNAAGQVFHGDIPRY
MAGDPTAGKLSGGFLFKMYGLPAAAIAIWHSAKPENRAKVGGIMISAALTSFLTGITEPIEFSFMFVAPILYIIHAILAG
LAFPICILLGMRDGTSFSHGLIDFIVLSGNSSKLWLFPIVGIGYAIVYYTIFRVLIKALDLKTPGREDATEDAKATGTSE
MAPALVAAFGGKENITNLDACITRLRVSVADVSKVDQAGLKKLGAAGVVVAGSGVQAIFGTKSDNLKTEMDEYIRNHLEL
EVLFQ
;
_entity_poly.pdbx_strand_id   B,A
#
# COMPACT_ATOMS: atom_id res chain seq x y z
N ASN A 4 9.48 -23.25 -21.15
CA ASN A 4 9.67 -21.97 -20.46
C ASN A 4 8.81 -21.76 -19.19
N ALA A 5 7.81 -22.61 -18.93
CA ALA A 5 6.88 -22.47 -17.80
C ALA A 5 7.57 -22.53 -16.42
N PHE A 6 8.64 -23.31 -16.26
CA PHE A 6 9.33 -23.45 -14.98
C PHE A 6 9.91 -22.13 -14.48
N ALA A 7 10.52 -21.33 -15.36
CA ALA A 7 11.01 -20.00 -15.01
C ALA A 7 9.89 -19.05 -14.57
N ASN A 8 8.64 -19.27 -14.99
CA ASN A 8 7.48 -18.52 -14.49
C ASN A 8 6.95 -19.07 -13.17
N LEU A 9 6.96 -20.39 -12.93
CA LEU A 9 6.59 -20.96 -11.62
C LEU A 9 7.55 -20.54 -10.51
N GLN A 10 8.84 -20.35 -10.81
CA GLN A 10 9.77 -19.71 -9.89
C GLN A 10 9.30 -18.29 -9.51
N LYS A 11 8.93 -17.47 -10.50
CA LYS A 11 8.44 -16.09 -10.27
C LYS A 11 7.13 -16.08 -9.49
N VAL A 12 6.21 -17.02 -9.75
CA VAL A 12 4.98 -17.18 -8.95
C VAL A 12 5.31 -17.51 -7.49
N GLY A 13 6.13 -18.52 -7.23
CA GLY A 13 6.56 -18.87 -5.87
C GLY A 13 7.22 -17.69 -5.14
N LYS A 14 8.21 -17.06 -5.78
CA LYS A 14 8.89 -15.85 -5.28
C LYS A 14 7.91 -14.72 -4.96
N SER A 15 6.91 -14.50 -5.81
CA SER A 15 5.89 -13.48 -5.59
C SER A 15 4.98 -13.75 -4.39
N LEU A 16 4.69 -15.02 -4.10
CA LEU A 16 3.82 -15.45 -2.99
C LEU A 16 4.55 -15.56 -1.65
N MET A 17 5.86 -15.77 -1.65
CA MET A 17 6.66 -15.83 -0.42
C MET A 17 6.77 -14.48 0.33
N LEU A 18 6.55 -13.35 -0.34
CA LEU A 18 6.39 -12.05 0.31
C LEU A 18 5.11 -11.98 1.17
N PRO A 19 3.90 -12.20 0.64
CA PRO A 19 2.68 -12.41 1.43
C PRO A 19 2.81 -13.44 2.55
N VAL A 20 3.38 -14.62 2.30
CA VAL A 20 3.60 -15.65 3.34
C VAL A 20 4.38 -15.13 4.52
N SER A 21 5.41 -14.31 4.28
CA SER A 21 6.32 -13.84 5.32
C SER A 21 5.63 -13.04 6.44
N VAL A 22 4.44 -12.47 6.20
CA VAL A 22 3.69 -11.71 7.21
C VAL A 22 2.45 -12.43 7.77
N LEU A 23 2.04 -13.57 7.22
CA LEU A 23 0.90 -14.34 7.73
C LEU A 23 1.08 -14.88 9.17
N PRO A 24 2.20 -15.51 9.56
CA PRO A 24 2.30 -16.08 10.90
C PRO A 24 2.31 -15.04 12.03
N ILE A 25 3.00 -13.89 11.87
CA ILE A 25 2.95 -12.82 12.87
C ILE A 25 1.55 -12.21 12.98
N ALA A 26 0.85 -12.01 11.87
CA ALA A 26 -0.54 -11.56 11.88
C ALA A 26 -1.48 -12.55 12.59
N GLY A 27 -1.32 -13.85 12.34
CA GLY A 27 -2.07 -14.91 13.01
C GLY A 27 -1.81 -15.00 14.52
N ILE A 28 -0.57 -14.81 14.96
CA ILE A 28 -0.23 -14.75 16.39
C ILE A 28 -0.84 -13.50 17.04
N LEU A 29 -0.72 -12.32 16.43
CA LEU A 29 -1.31 -11.08 16.96
C LEU A 29 -2.84 -11.15 17.04
N LEU A 30 -3.52 -11.56 15.96
CA LEU A 30 -4.97 -11.69 15.94
C LEU A 30 -5.44 -12.82 16.87
N GLY A 31 -4.75 -13.95 16.95
CA GLY A 31 -5.08 -15.05 17.85
C GLY A 31 -4.96 -14.68 19.32
N VAL A 32 -3.79 -14.20 19.76
CA VAL A 32 -3.56 -13.77 21.16
C VAL A 32 -4.43 -12.57 21.53
N GLY A 33 -4.67 -11.64 20.61
CA GLY A 33 -5.51 -10.48 20.86
C GLY A 33 -7.00 -10.80 20.95
N SER A 34 -7.56 -11.48 19.94
CA SER A 34 -8.99 -11.80 19.91
C SER A 34 -9.42 -12.85 20.95
N ALA A 35 -8.48 -13.60 21.54
CA ALA A 35 -8.77 -14.47 22.67
C ALA A 35 -9.22 -13.72 23.93
N ASN A 36 -8.89 -12.43 24.05
CA ASN A 36 -9.32 -11.56 25.16
C ASN A 36 -9.10 -12.18 26.54
N PHE A 37 -7.88 -12.66 26.80
CA PHE A 37 -7.53 -13.31 28.06
C PHE A 37 -7.75 -12.41 29.28
N SER A 38 -8.07 -12.98 30.42
CA SER A 38 -8.20 -12.24 31.68
C SER A 38 -6.85 -11.82 32.28
N TRP A 39 -5.77 -12.56 32.04
CA TRP A 39 -4.44 -12.29 32.60
C TRP A 39 -3.65 -11.20 31.86
N LEU A 40 -4.05 -10.87 30.64
CA LEU A 40 -3.45 -9.86 29.77
C LEU A 40 -4.42 -8.66 29.64
N PRO A 41 -3.99 -7.41 29.80
CA PRO A 41 -4.90 -6.27 29.94
C PRO A 41 -5.70 -5.94 28.67
N ALA A 42 -6.80 -5.22 28.86
CA ALA A 42 -7.80 -5.00 27.83
C ALA A 42 -7.25 -4.27 26.61
N VAL A 43 -6.53 -3.16 26.82
CA VAL A 43 -5.92 -2.36 25.75
C VAL A 43 -4.87 -3.13 24.95
N VAL A 44 -4.06 -3.96 25.61
CA VAL A 44 -3.05 -4.81 24.96
C VAL A 44 -3.71 -5.80 24.01
N SER A 45 -4.81 -6.43 24.46
CA SER A 45 -5.62 -7.34 23.65
C SER A 45 -6.19 -6.67 22.42
N HIS A 46 -6.79 -5.48 22.57
CA HIS A 46 -7.37 -4.72 21.45
C HIS A 46 -6.30 -4.25 20.46
N VAL A 47 -5.16 -3.74 20.92
CA VAL A 47 -4.05 -3.33 20.04
C VAL A 47 -3.52 -4.51 19.25
N MET A 48 -3.32 -5.68 19.87
CA MET A 48 -2.90 -6.90 19.16
C MET A 48 -3.92 -7.37 18.12
N ALA A 49 -5.20 -7.39 18.49
CA ALA A 49 -6.27 -7.76 17.57
C ALA A 49 -6.36 -6.83 16.36
N GLU A 50 -6.35 -5.52 16.57
CA GLU A 50 -6.42 -4.54 15.48
C GLU A 50 -5.14 -4.46 14.65
N ALA A 51 -3.96 -4.69 15.23
CA ALA A 51 -2.70 -4.82 14.49
C ALA A 51 -2.68 -6.07 13.59
N GLY A 52 -3.01 -7.24 14.13
CA GLY A 52 -3.08 -8.48 13.35
C GLY A 52 -4.16 -8.44 12.27
N GLY A 53 -5.35 -7.95 12.62
CA GLY A 53 -6.45 -7.72 11.68
C GLY A 53 -6.12 -6.74 10.57
N SER A 54 -5.24 -5.76 10.80
CA SER A 54 -4.74 -4.86 9.76
C SER A 54 -3.93 -5.57 8.69
N VAL A 55 -3.05 -6.51 9.07
CA VAL A 55 -2.24 -7.27 8.10
C VAL A 55 -3.12 -8.17 7.23
N PHE A 56 -4.12 -8.83 7.83
CA PHE A 56 -5.12 -9.59 7.06
C PHE A 56 -5.96 -8.69 6.15
N ALA A 57 -6.41 -7.51 6.60
CA ALA A 57 -7.16 -6.57 5.76
C ALA A 57 -6.33 -6.02 4.58
N ASN A 58 -5.01 -5.88 4.75
CA ASN A 58 -4.09 -5.46 3.69
C ASN A 58 -3.66 -6.59 2.74
N MET A 59 -4.15 -7.83 2.90
CA MET A 59 -3.71 -8.95 2.05
C MET A 59 -3.80 -8.68 0.54
N PRO A 60 -4.88 -8.15 -0.03
CA PRO A 60 -4.92 -7.80 -1.45
C PRO A 60 -3.78 -6.89 -1.92
N LEU A 61 -3.41 -5.89 -1.12
CA LEU A 61 -2.34 -4.95 -1.40
C LEU A 61 -0.95 -5.59 -1.25
N ILE A 62 -0.77 -6.42 -0.23
CA ILE A 62 0.43 -7.24 -0.01
C ILE A 62 0.66 -8.21 -1.17
N PHE A 63 -0.38 -8.86 -1.68
CA PHE A 63 -0.32 -9.68 -2.91
C PHE A 63 -0.01 -8.84 -4.15
N ALA A 64 -0.59 -7.64 -4.30
CA ALA A 64 -0.29 -6.76 -5.43
C ALA A 64 1.20 -6.39 -5.47
N ILE A 65 1.80 -6.06 -4.32
CA ILE A 65 3.22 -5.77 -4.16
C ILE A 65 4.08 -7.00 -4.42
N GLY A 66 3.75 -8.16 -3.85
CA GLY A 66 4.47 -9.41 -4.10
C GLY A 66 4.51 -9.81 -5.58
N VAL A 67 3.40 -9.71 -6.30
CA VAL A 67 3.34 -9.96 -7.74
C VAL A 67 4.11 -8.92 -8.55
N ALA A 68 4.04 -7.64 -8.19
CA ALA A 68 4.81 -6.60 -8.86
C ALA A 68 6.31 -6.80 -8.70
N LEU A 69 6.78 -7.07 -7.49
CA LEU A 69 8.20 -7.30 -7.20
C LEU A 69 8.71 -8.62 -7.77
N GLY A 70 7.93 -9.70 -7.71
CA GLY A 70 8.33 -11.01 -8.20
C GLY A 70 8.55 -11.10 -9.71
N PHE A 71 7.89 -10.26 -10.50
CA PHE A 71 7.99 -10.22 -11.96
C PHE A 71 8.80 -9.03 -12.52
N THR A 72 9.40 -8.20 -11.66
CA THR A 72 10.21 -7.02 -12.04
C THR A 72 11.61 -7.01 -11.42
N ASN A 73 12.06 -8.16 -10.90
CA ASN A 73 13.32 -8.30 -10.17
C ASN A 73 13.44 -7.33 -8.97
N ASN A 74 12.39 -7.30 -8.15
CA ASN A 74 12.31 -6.58 -6.87
C ASN A 74 12.44 -5.04 -6.94
N ASP A 75 12.11 -4.41 -8.07
CA ASP A 75 12.14 -2.95 -8.19
C ASP A 75 10.97 -2.26 -7.48
N GLY A 76 11.26 -1.40 -6.50
CA GLY A 76 10.27 -0.70 -5.69
C GLY A 76 9.29 0.20 -6.46
N VAL A 77 9.63 0.71 -7.63
CA VAL A 77 8.68 1.53 -8.41
C VAL A 77 7.51 0.67 -8.92
N SER A 78 7.72 -0.64 -9.11
CA SER A 78 6.62 -1.56 -9.40
C SER A 78 5.70 -1.76 -8.20
N ALA A 79 6.22 -1.78 -6.97
CA ALA A 79 5.41 -1.84 -5.76
C ALA A 79 4.57 -0.58 -5.58
N LEU A 80 5.14 0.60 -5.84
CA LEU A 80 4.38 1.85 -5.88
C LEU A 80 3.29 1.83 -6.97
N ALA A 81 3.62 1.37 -8.17
CA ALA A 81 2.66 1.27 -9.27
C ALA A 81 1.52 0.29 -8.97
N ALA A 82 1.78 -0.81 -8.26
CA ALA A 82 0.76 -1.75 -7.80
C ALA A 82 -0.16 -1.15 -6.73
N VAL A 83 0.36 -0.35 -5.81
CA VAL A 83 -0.43 0.38 -4.81
C VAL A 83 -1.34 1.42 -5.46
N VAL A 84 -0.83 2.19 -6.42
CA VAL A 84 -1.60 3.16 -7.20
C VAL A 84 -2.66 2.48 -8.08
N ALA A 85 -2.32 1.37 -8.74
CA ALA A 85 -3.27 0.60 -9.54
C ALA A 85 -4.40 0.00 -8.70
N TYR A 86 -4.10 -0.64 -7.56
CA TYR A 86 -5.09 -1.30 -6.73
C TYR A 86 -6.17 -0.34 -6.24
N GLY A 87 -5.78 0.81 -5.69
CA GLY A 87 -6.72 1.82 -5.23
C GLY A 87 -7.61 2.40 -6.33
N ILE A 88 -7.10 2.60 -7.54
CA ILE A 88 -7.91 3.06 -8.68
C ILE A 88 -8.88 1.97 -9.14
N MET A 89 -8.49 0.73 -9.11
CA MET A 89 -9.31 -0.37 -9.59
C MET A 89 -10.43 -0.72 -8.69
N VAL A 90 -10.22 -0.72 -7.42
CA VAL A 90 -11.27 -0.91 -6.40
C VAL A 90 -12.31 0.21 -6.44
N LYS A 91 -11.88 1.47 -6.50
CA LYS A 91 -12.76 2.62 -6.66
C LYS A 91 -13.55 2.60 -7.99
N THR A 92 -12.94 2.17 -9.09
CA THR A 92 -13.65 2.07 -10.38
C THR A 92 -14.74 1.01 -10.34
N MET A 93 -14.51 -0.13 -9.70
CA MET A 93 -15.54 -1.15 -9.52
C MET A 93 -16.71 -0.67 -8.68
N ALA A 94 -16.47 0.10 -7.62
CA ALA A 94 -17.55 0.67 -6.81
C ALA A 94 -18.49 1.59 -7.60
N VAL A 95 -17.99 2.29 -8.63
CA VAL A 95 -18.79 3.15 -9.51
C VAL A 95 -19.53 2.34 -10.58
N VAL A 96 -18.87 1.35 -11.19
CA VAL A 96 -19.39 0.64 -12.37
C VAL A 96 -20.22 -0.60 -12.02
N ALA A 97 -19.91 -1.32 -10.95
CA ALA A 97 -20.67 -2.51 -10.56
C ALA A 97 -22.17 -2.26 -10.30
N PRO A 98 -22.61 -1.17 -9.65
CA PRO A 98 -24.03 -0.82 -9.54
C PRO A 98 -24.74 -0.72 -10.88
N LEU A 99 -24.10 -0.10 -11.87
CA LEU A 99 -24.65 0.07 -13.22
C LEU A 99 -24.80 -1.26 -13.91
N VAL A 100 -23.77 -2.11 -13.86
CA VAL A 100 -23.75 -3.43 -14.50
C VAL A 100 -24.76 -4.38 -13.87
N LEU A 101 -24.84 -4.43 -12.53
CA LEU A 101 -25.70 -5.36 -11.79
C LEU A 101 -27.18 -4.94 -11.72
N HIS A 102 -27.49 -3.65 -11.87
CA HIS A 102 -28.90 -3.12 -11.78
C HIS A 102 -29.37 -3.18 -10.31
N LEU A 103 -28.45 -3.00 -9.34
CA LEU A 103 -28.75 -2.96 -7.92
C LEU A 103 -28.16 -1.66 -7.32
N PRO A 104 -28.82 -1.03 -6.31
CA PRO A 104 -28.31 0.18 -5.66
C PRO A 104 -26.90 0.03 -5.08
N ALA A 105 -26.08 1.07 -5.14
CA ALA A 105 -24.68 1.01 -4.72
C ALA A 105 -24.50 0.60 -3.24
N GLU A 106 -25.46 0.92 -2.38
CA GLU A 106 -25.49 0.51 -0.98
C GLU A 106 -25.69 -1.01 -0.82
N GLU A 107 -26.47 -1.65 -1.69
CA GLU A 107 -26.63 -3.10 -1.71
C GLU A 107 -25.33 -3.80 -2.15
N ILE A 108 -24.65 -3.29 -3.19
CA ILE A 108 -23.32 -3.80 -3.58
C ILE A 108 -22.34 -3.68 -2.41
N ALA A 109 -22.25 -2.50 -1.79
CA ALA A 109 -21.28 -2.24 -0.72
C ALA A 109 -21.56 -3.07 0.54
N SER A 110 -22.81 -3.15 0.98
CA SER A 110 -23.19 -3.89 2.20
C SER A 110 -23.15 -5.42 2.02
N LYS A 111 -23.46 -5.96 0.83
CA LYS A 111 -23.40 -7.40 0.55
C LYS A 111 -22.06 -7.86 -0.07
N HIS A 112 -21.09 -6.96 -0.26
CA HIS A 112 -19.79 -7.24 -0.88
C HIS A 112 -19.87 -7.86 -2.30
N LEU A 113 -20.87 -7.47 -3.10
CA LEU A 113 -21.09 -8.06 -4.44
C LEU A 113 -19.96 -7.76 -5.45
N ALA A 114 -19.23 -6.66 -5.24
CA ALA A 114 -18.12 -6.22 -6.08
C ALA A 114 -16.75 -6.40 -5.41
N ASP A 115 -16.66 -7.10 -4.27
CA ASP A 115 -15.41 -7.33 -3.55
C ASP A 115 -14.59 -8.47 -4.18
N THR A 116 -13.52 -8.13 -4.91
CA THR A 116 -12.65 -9.10 -5.60
C THR A 116 -11.60 -9.75 -4.69
N GLY A 117 -11.42 -9.30 -3.45
CA GLY A 117 -10.44 -9.86 -2.53
C GLY A 117 -9.01 -9.86 -3.07
N VAL A 118 -8.25 -10.91 -2.78
CA VAL A 118 -6.86 -11.10 -3.24
C VAL A 118 -6.71 -11.16 -4.76
N LEU A 119 -7.73 -11.62 -5.49
CA LEU A 119 -7.68 -11.73 -6.95
C LEU A 119 -7.53 -10.38 -7.64
N GLY A 120 -8.19 -9.33 -7.14
CA GLY A 120 -7.99 -7.96 -7.62
C GLY A 120 -6.61 -7.40 -7.25
N GLY A 121 -6.03 -7.86 -6.14
CA GLY A 121 -4.64 -7.59 -5.78
C GLY A 121 -3.65 -8.18 -6.78
N ILE A 122 -3.80 -9.46 -7.09
CA ILE A 122 -2.97 -10.17 -8.08
C ILE A 122 -3.04 -9.48 -9.45
N ILE A 123 -4.23 -9.10 -9.92
CA ILE A 123 -4.40 -8.35 -11.18
C ILE A 123 -3.72 -6.98 -11.13
N SER A 124 -3.82 -6.24 -10.02
CA SER A 124 -3.15 -4.94 -9.87
C SER A 124 -1.62 -5.07 -9.89
N GLY A 125 -1.07 -6.13 -9.30
CA GLY A 125 0.34 -6.47 -9.43
C GLY A 125 0.75 -6.88 -10.84
N ALA A 126 -0.09 -7.63 -11.56
CA ALA A 126 0.16 -8.03 -12.93
C ALA A 126 0.18 -6.85 -13.91
N ILE A 127 -0.69 -5.85 -13.72
CA ILE A 127 -0.61 -4.56 -14.42
C ILE A 127 0.72 -3.89 -14.13
N ALA A 128 1.08 -3.68 -12.86
CA ALA A 128 2.33 -3.01 -12.49
C ALA A 128 3.57 -3.69 -13.06
N ALA A 129 3.64 -5.02 -13.01
CA ALA A 129 4.73 -5.79 -13.59
C ALA A 129 4.81 -5.69 -15.12
N TYR A 130 3.69 -5.80 -15.82
CA TYR A 130 3.64 -5.65 -17.27
C TYR A 130 4.06 -4.25 -17.71
N MET A 131 3.51 -3.22 -17.07
CA MET A 131 3.82 -1.83 -17.37
C MET A 131 5.28 -1.52 -17.07
N PHE A 132 5.86 -2.07 -16.00
CA PHE A 132 7.28 -1.92 -15.72
C PHE A 132 8.13 -2.52 -16.84
N ASN A 133 7.99 -3.81 -17.15
CA ASN A 133 8.83 -4.47 -18.14
C ASN A 133 8.68 -3.90 -19.56
N ARG A 134 7.55 -3.27 -19.90
CA ARG A 134 7.36 -2.62 -21.22
C ARG A 134 7.83 -1.14 -21.23
N PHE A 135 7.74 -0.42 -20.12
CA PHE A 135 7.95 1.04 -20.11
C PHE A 135 9.00 1.59 -19.14
N TYR A 136 9.69 0.79 -18.31
CA TYR A 136 10.67 1.34 -17.35
C TYR A 136 11.84 2.13 -17.98
N ARG A 137 12.07 1.98 -19.30
CA ARG A 137 13.10 2.68 -20.09
C ARG A 137 12.51 3.66 -21.13
N ILE A 138 11.22 4.02 -21.03
CA ILE A 138 10.54 4.91 -22.00
C ILE A 138 11.21 6.29 -22.06
N LYS A 139 11.43 6.81 -23.28
CA LYS A 139 11.93 8.17 -23.53
C LYS A 139 10.80 9.06 -24.03
N LEU A 140 10.51 10.13 -23.28
CA LEU A 140 9.51 11.15 -23.60
C LEU A 140 10.19 12.38 -24.25
N PRO A 141 9.43 13.28 -24.92
CA PRO A 141 9.95 14.57 -25.35
C PRO A 141 10.32 15.45 -24.15
N GLU A 142 11.22 16.42 -24.34
CA GLU A 142 11.90 17.13 -23.25
C GLU A 142 10.94 17.90 -22.30
N TYR A 143 9.80 18.38 -22.82
CA TYR A 143 8.76 19.03 -22.01
C TYR A 143 8.09 18.10 -20.97
N LEU A 144 8.25 16.79 -21.11
CA LEU A 144 7.80 15.76 -20.15
C LEU A 144 8.98 14.94 -19.57
N GLY A 145 10.23 15.35 -19.81
CA GLY A 145 11.43 14.57 -19.45
C GLY A 145 11.56 14.24 -17.96
N PHE A 146 10.99 15.06 -17.07
CA PHE A 146 10.93 14.81 -15.63
C PHE A 146 10.10 13.56 -15.25
N PHE A 147 9.22 13.08 -16.15
CA PHE A 147 8.34 11.93 -15.95
C PHE A 147 8.70 10.71 -16.81
N ALA A 148 9.83 10.73 -17.52
CA ALA A 148 10.32 9.63 -18.35
C ALA A 148 10.81 8.41 -17.53
N GLY A 149 11.04 7.29 -18.19
CA GLY A 149 11.55 6.06 -17.57
C GLY A 149 10.61 5.51 -16.50
N LYS A 150 11.16 5.05 -15.38
CA LYS A 150 10.39 4.45 -14.26
C LYS A 150 9.24 5.32 -13.76
N ARG A 151 9.37 6.65 -13.79
CA ARG A 151 8.33 7.60 -13.36
C ARG A 151 7.04 7.54 -14.18
N PHE A 152 7.08 7.02 -15.41
CA PHE A 152 5.88 6.76 -16.22
C PHE A 152 5.06 5.56 -15.72
N VAL A 153 5.70 4.58 -15.07
CA VAL A 153 5.09 3.28 -14.75
C VAL A 153 3.89 3.39 -13.80
N PRO A 154 3.92 4.14 -12.68
CA PRO A 154 2.74 4.36 -11.86
C PRO A 154 1.58 5.05 -12.60
N ILE A 155 1.88 6.00 -13.50
CA ILE A 155 0.87 6.74 -14.27
C ILE A 155 0.11 5.81 -15.21
N ILE A 156 0.81 5.07 -16.07
CA ILE A 156 0.17 4.14 -17.01
C ILE A 156 -0.51 2.96 -16.31
N SER A 157 0.02 2.52 -15.15
CA SER A 157 -0.64 1.51 -14.31
C SER A 157 -1.96 2.01 -13.73
N GLY A 158 -2.05 3.28 -13.32
CA GLY A 158 -3.30 3.90 -12.89
C GLY A 158 -4.33 4.03 -14.02
N LEU A 159 -3.92 4.45 -15.21
CA LEU A 159 -4.80 4.50 -16.37
C LEU A 159 -5.31 3.10 -16.78
N ALA A 160 -4.44 2.09 -16.78
CA ALA A 160 -4.83 0.70 -17.05
C ALA A 160 -5.70 0.08 -15.93
N ALA A 161 -5.56 0.53 -14.68
CA ALA A 161 -6.43 0.11 -13.59
C ALA A 161 -7.88 0.57 -13.76
N ILE A 162 -8.12 1.69 -14.44
CA ILE A 162 -9.49 2.12 -14.79
C ILE A 162 -10.13 1.10 -15.72
N PHE A 163 -9.52 0.80 -16.87
CA PHE A 163 -10.06 -0.15 -17.84
C PHE A 163 -10.19 -1.56 -17.25
N THR A 164 -9.24 -1.98 -16.43
CA THR A 164 -9.30 -3.25 -15.70
C THR A 164 -10.48 -3.30 -14.73
N GLY A 165 -10.74 -2.24 -13.97
CA GLY A 165 -11.89 -2.17 -13.07
C GLY A 165 -13.23 -2.15 -13.79
N VAL A 166 -13.33 -1.53 -14.97
CA VAL A 166 -14.52 -1.63 -15.82
C VAL A 166 -14.74 -3.07 -16.25
N VAL A 167 -13.72 -3.75 -16.80
CA VAL A 167 -13.81 -5.16 -17.24
C VAL A 167 -14.13 -6.10 -16.08
N LEU A 168 -13.49 -5.97 -14.92
CA LEU A 168 -13.84 -6.74 -13.72
C LEU A 168 -15.27 -6.52 -13.26
N SER A 169 -15.86 -5.36 -13.46
CA SER A 169 -17.27 -5.14 -13.12
C SER A 169 -18.22 -6.00 -13.96
N PHE A 170 -17.85 -6.38 -15.18
CA PHE A 170 -18.62 -7.32 -16.01
C PHE A 170 -18.25 -8.78 -15.78
N ILE A 171 -16.97 -9.07 -15.60
CA ILE A 171 -16.43 -10.43 -15.48
C ILE A 171 -16.63 -11.01 -14.07
N TRP A 172 -16.57 -10.13 -13.05
CA TRP A 172 -16.56 -10.58 -11.63
C TRP A 172 -17.82 -11.30 -11.19
N PRO A 173 -19.09 -10.91 -11.40
CA PRO A 173 -20.29 -11.51 -10.84
C PRO A 173 -20.39 -13.05 -10.97
N PRO A 174 -20.14 -13.68 -12.13
CA PRO A 174 -20.08 -15.15 -12.23
C PRO A 174 -18.88 -15.80 -11.52
N ILE A 175 -17.77 -15.10 -11.30
CA ILE A 175 -16.61 -15.57 -10.52
C ILE A 175 -16.91 -15.52 -9.01
N GLY A 176 -17.40 -14.39 -8.49
CA GLY A 176 -17.75 -14.23 -7.08
C GLY A 176 -18.86 -15.19 -6.64
N SER A 177 -19.82 -15.44 -7.53
CA SER A 177 -20.84 -16.49 -7.37
C SER A 177 -20.23 -17.89 -7.25
N ALA A 178 -19.30 -18.27 -8.13
CA ALA A 178 -18.61 -19.56 -8.05
C ALA A 178 -17.75 -19.71 -6.79
N ILE A 179 -17.09 -18.64 -6.33
CA ILE A 179 -16.37 -18.65 -5.04
C ILE A 179 -17.33 -18.87 -3.87
N GLN A 180 -18.50 -18.24 -3.88
CA GLN A 180 -19.52 -18.47 -2.87
C GLN A 180 -20.04 -19.91 -2.88
N THR A 181 -20.36 -20.50 -4.03
CA THR A 181 -20.81 -21.91 -4.09
C THR A 181 -19.71 -22.90 -3.70
N PHE A 182 -18.44 -22.66 -4.01
CA PHE A 182 -17.35 -23.47 -3.47
C PHE A 182 -17.31 -23.46 -1.94
N SER A 183 -17.47 -22.30 -1.29
CA SER A 183 -17.46 -22.24 0.16
C SER A 183 -18.57 -23.05 0.81
N GLN A 184 -19.77 -23.03 0.22
CA GLN A 184 -20.91 -23.81 0.70
C GLN A 184 -20.75 -25.29 0.40
N TRP A 185 -20.12 -25.65 -0.71
CA TRP A 185 -19.79 -27.02 -1.03
C TRP A 185 -18.78 -27.63 -0.06
N ALA A 186 -17.68 -26.92 0.18
CA ALA A 186 -16.61 -27.32 1.08
C ALA A 186 -17.08 -27.40 2.54
N ALA A 187 -17.85 -26.44 3.03
CA ALA A 187 -18.39 -26.46 4.38
C ALA A 187 -19.49 -27.52 4.58
N TYR A 188 -20.44 -27.66 3.65
CA TYR A 188 -21.73 -28.31 3.94
C TYR A 188 -22.18 -29.42 3.00
N GLN A 189 -21.71 -29.47 1.74
CA GLN A 189 -22.28 -30.40 0.74
C GLN A 189 -21.39 -31.60 0.47
N ASN A 190 -20.07 -31.42 0.45
CA ASN A 190 -19.10 -32.50 0.40
C ASN A 190 -17.81 -32.14 1.15
N PRO A 191 -17.86 -32.04 2.50
CA PRO A 191 -16.68 -31.77 3.32
C PRO A 191 -15.68 -32.94 3.31
N VAL A 192 -16.13 -34.18 3.08
CA VAL A 192 -15.23 -35.34 2.95
C VAL A 192 -14.26 -35.15 1.79
N VAL A 193 -14.77 -34.85 0.59
CA VAL A 193 -13.90 -34.60 -0.58
C VAL A 193 -13.12 -33.30 -0.43
N ALA A 194 -13.75 -32.22 0.02
CA ALA A 194 -13.09 -30.92 0.14
C ALA A 194 -11.91 -30.92 1.11
N PHE A 195 -12.06 -31.50 2.31
CA PHE A 195 -10.99 -31.52 3.29
C PHE A 195 -9.93 -32.60 3.02
N GLY A 196 -10.25 -33.66 2.26
CA GLY A 196 -9.25 -34.54 1.69
C GLY A 196 -8.33 -33.84 0.68
N ILE A 197 -8.87 -32.98 -0.18
CA ILE A 197 -8.10 -32.13 -1.08
C ILE A 197 -7.29 -31.08 -0.30
N TYR A 198 -7.82 -30.51 0.78
CA TYR A 198 -7.12 -29.51 1.62
C TYR A 198 -5.88 -30.08 2.32
N GLY A 199 -5.97 -31.28 2.83
CA GLY A 199 -4.83 -31.88 3.50
C GLY A 199 -3.70 -32.27 2.56
N PHE A 200 -4.03 -32.86 1.41
CA PHE A 200 -3.04 -33.23 0.41
C PHE A 200 -2.33 -32.01 -0.19
N ILE A 201 -3.08 -30.99 -0.62
CA ILE A 201 -2.50 -29.78 -1.19
C ILE A 201 -1.71 -28.98 -0.15
N GLU A 202 -2.15 -28.91 1.11
CA GLU A 202 -1.35 -28.29 2.17
C GLU A 202 0.01 -28.97 2.30
N ARG A 203 0.05 -30.29 2.34
CA ARG A 203 1.33 -31.01 2.44
C ARG A 203 2.16 -30.63 1.20
N CYS A 204 1.59 -30.62 0.02
CA CYS A 204 2.35 -30.28 -1.17
C CYS A 204 2.97 -28.88 -1.17
N LEU A 205 2.43 -27.95 -0.37
CA LEU A 205 2.90 -26.57 -0.29
C LEU A 205 3.86 -26.31 0.87
N VAL A 206 3.87 -27.18 1.88
CA VAL A 206 4.81 -27.13 3.03
C VAL A 206 6.30 -27.08 2.65
N PRO A 207 6.83 -27.85 1.67
CA PRO A 207 8.24 -27.76 1.29
C PRO A 207 8.70 -26.36 0.89
N PHE A 208 7.77 -25.55 0.35
CA PHE A 208 8.00 -24.19 -0.12
C PHE A 208 7.57 -23.13 0.89
N GLY A 209 6.91 -23.50 1.98
CA GLY A 209 6.30 -22.56 2.93
C GLY A 209 5.01 -21.89 2.41
N LEU A 210 4.47 -22.34 1.28
CA LEU A 210 3.30 -21.71 0.65
C LEU A 210 1.96 -22.12 1.29
N HIS A 211 1.97 -23.09 2.20
CA HIS A 211 0.76 -23.61 2.84
C HIS A 211 0.05 -22.56 3.69
N HIS A 212 0.74 -21.54 4.16
CA HIS A 212 0.15 -20.45 4.96
C HIS A 212 -0.94 -19.77 4.14
N ILE A 213 -0.72 -19.54 2.84
CA ILE A 213 -1.74 -18.93 1.97
C ILE A 213 -2.93 -19.86 1.77
N TRP A 214 -2.70 -21.14 1.52
CA TRP A 214 -3.75 -22.15 1.33
C TRP A 214 -4.60 -22.35 2.58
N ASN A 215 -4.03 -22.21 3.77
CA ASN A 215 -4.72 -22.40 5.04
C ASN A 215 -5.72 -21.27 5.36
N VAL A 216 -5.49 -20.03 4.92
CA VAL A 216 -6.39 -18.89 5.21
C VAL A 216 -7.86 -19.15 4.86
N PRO A 217 -8.24 -19.56 3.63
CA PRO A 217 -9.65 -19.77 3.31
C PRO A 217 -10.31 -20.86 4.17
N PHE A 218 -9.69 -22.01 4.35
CA PHE A 218 -10.27 -23.10 5.14
C PHE A 218 -10.33 -22.76 6.63
N GLN A 219 -9.29 -22.15 7.20
CA GLN A 219 -9.25 -21.76 8.60
C GLN A 219 -10.14 -20.54 8.93
N MET A 220 -10.24 -19.56 8.04
CA MET A 220 -10.88 -18.26 8.40
C MET A 220 -12.04 -17.81 7.49
N GLN A 221 -12.38 -18.51 6.40
CA GLN A 221 -13.39 -18.02 5.48
C GLN A 221 -14.49 -18.99 5.08
N ILE A 222 -14.28 -20.30 5.11
CA ILE A 222 -15.24 -21.36 4.74
C ILE A 222 -16.37 -21.52 5.76
N GLY A 223 -17.62 -21.44 5.29
CA GLY A 223 -18.84 -21.52 6.08
C GLY A 223 -19.09 -20.31 6.98
N GLU A 224 -20.31 -20.21 7.52
CA GLU A 224 -20.77 -19.15 8.41
C GLU A 224 -21.56 -19.72 9.59
N TYR A 225 -21.37 -19.18 10.79
CA TYR A 225 -22.17 -19.50 11.98
C TYR A 225 -22.60 -18.25 12.74
N THR A 226 -23.87 -18.17 13.15
CA THR A 226 -24.35 -17.18 14.12
C THR A 226 -24.76 -17.84 15.43
N ASN A 227 -24.16 -17.45 16.55
CA ASN A 227 -24.55 -17.95 17.87
C ASN A 227 -25.82 -17.24 18.41
N ALA A 228 -26.31 -17.65 19.57
CA ALA A 228 -27.51 -17.07 20.19
C ALA A 228 -27.34 -15.59 20.60
N ALA A 229 -26.11 -15.12 20.82
CA ALA A 229 -25.79 -13.71 21.02
C ALA A 229 -25.75 -12.88 19.72
N GLY A 230 -25.93 -13.50 18.56
CA GLY A 230 -25.92 -12.85 17.26
C GLY A 230 -24.53 -12.58 16.68
N GLN A 231 -23.45 -13.06 17.29
CA GLN A 231 -22.10 -12.95 16.74
C GLN A 231 -21.94 -13.89 15.55
N VAL A 232 -21.37 -13.41 14.44
CA VAL A 232 -21.16 -14.18 13.20
C VAL A 232 -19.69 -14.58 13.03
N PHE A 233 -19.45 -15.86 12.76
CA PHE A 233 -18.15 -16.50 12.67
C PHE A 233 -17.94 -17.20 11.33
N HIS A 234 -16.78 -17.02 10.72
CA HIS A 234 -16.41 -17.59 9.43
C HIS A 234 -15.17 -18.46 9.56
N GLY A 235 -15.06 -19.54 8.79
CA GLY A 235 -13.90 -20.43 8.80
C GLY A 235 -13.93 -21.49 9.90
N ASP A 236 -13.28 -22.62 9.66
CA ASP A 236 -13.42 -23.78 10.56
C ASP A 236 -12.93 -23.51 11.99
N ILE A 237 -11.85 -22.73 12.16
CA ILE A 237 -11.27 -22.44 13.48
C ILE A 237 -12.19 -21.53 14.32
N PRO A 238 -12.57 -20.32 13.87
CA PRO A 238 -13.53 -19.49 14.61
C PRO A 238 -14.88 -20.17 14.85
N ARG A 239 -15.42 -20.90 13.87
CA ARG A 239 -16.70 -21.59 14.01
C ARG A 239 -16.66 -22.72 15.02
N TYR A 240 -15.58 -23.49 15.13
CA TYR A 240 -15.43 -24.50 16.17
C TYR A 240 -15.36 -23.88 17.56
N MET A 241 -14.57 -22.82 17.77
CA MET A 241 -14.46 -22.18 19.10
C MET A 241 -15.80 -21.52 19.44
N ALA A 242 -16.53 -20.96 18.46
CA ALA A 242 -17.89 -20.44 18.66
C ALA A 242 -18.95 -21.50 18.99
N GLY A 243 -18.65 -22.79 18.81
CA GLY A 243 -19.55 -23.89 19.13
C GLY A 243 -20.43 -24.39 18.00
N ASP A 244 -20.11 -24.09 16.73
CA ASP A 244 -20.85 -24.59 15.56
C ASP A 244 -20.79 -26.12 15.48
N PRO A 245 -21.91 -26.85 15.61
CA PRO A 245 -21.93 -28.31 15.54
C PRO A 245 -21.35 -28.89 14.25
N THR A 246 -21.28 -28.10 13.18
CA THR A 246 -20.79 -28.55 11.85
C THR A 246 -19.39 -28.02 11.60
N ALA A 247 -18.68 -27.57 12.65
CA ALA A 247 -17.27 -27.14 12.52
C ALA A 247 -16.37 -28.36 12.77
N GLY A 248 -15.07 -28.18 12.99
CA GLY A 248 -14.16 -29.30 13.31
C GLY A 248 -13.83 -30.17 12.11
N LYS A 249 -13.84 -29.61 10.89
CA LYS A 249 -13.43 -30.38 9.70
C LYS A 249 -11.91 -30.51 9.59
N LEU A 250 -11.14 -29.60 10.16
CA LEU A 250 -9.68 -29.67 10.23
C LEU A 250 -9.13 -30.68 11.26
N SER A 251 -9.95 -31.46 11.96
CA SER A 251 -9.48 -32.36 13.03
C SER A 251 -8.56 -33.49 12.57
N GLY A 252 -8.54 -33.82 11.28
CA GLY A 252 -7.64 -34.83 10.70
C GLY A 252 -6.16 -34.61 10.97
N GLY A 253 -5.74 -33.37 11.22
CA GLY A 253 -4.35 -33.04 11.54
C GLY A 253 -3.80 -33.76 12.77
N PHE A 254 -4.61 -34.08 13.77
CA PHE A 254 -4.14 -34.79 14.96
C PHE A 254 -3.58 -36.17 14.61
N LEU A 255 -4.14 -36.86 13.62
CA LEU A 255 -3.71 -38.21 13.26
C LEU A 255 -2.26 -38.24 12.75
N PHE A 256 -1.92 -37.43 11.75
CA PHE A 256 -0.56 -37.43 11.23
C PHE A 256 0.41 -36.57 12.03
N LYS A 257 0.00 -35.46 12.67
CA LYS A 257 0.92 -34.62 13.45
C LYS A 257 1.24 -35.20 14.84
N MET A 258 0.29 -35.81 15.55
CA MET A 258 0.58 -36.45 16.83
C MET A 258 1.05 -37.89 16.75
N TYR A 259 0.63 -38.67 15.74
CA TYR A 259 0.91 -40.10 15.70
C TYR A 259 1.75 -40.54 14.50
N GLY A 260 1.33 -40.19 13.28
CA GLY A 260 2.02 -40.64 12.06
C GLY A 260 3.45 -40.14 11.92
N LEU A 261 3.69 -38.83 11.99
CA LEU A 261 5.02 -38.25 11.86
C LEU A 261 5.96 -38.58 13.01
N PRO A 262 5.56 -38.50 14.30
CA PRO A 262 6.34 -39.10 15.36
C PRO A 262 6.71 -40.56 15.11
N ALA A 263 5.82 -41.41 14.59
CA ALA A 263 6.17 -42.79 14.25
C ALA A 263 7.16 -42.90 13.09
N ALA A 264 7.01 -42.08 12.05
CA ALA A 264 7.98 -41.97 10.96
C ALA A 264 9.37 -41.56 11.45
N ALA A 265 9.47 -40.66 12.44
CA ALA A 265 10.74 -40.27 13.04
C ALA A 265 11.48 -41.45 13.67
N ILE A 266 10.78 -42.36 14.35
CA ILE A 266 11.39 -43.55 14.95
C ILE A 266 11.78 -44.57 13.86
N ALA A 267 11.03 -44.66 12.76
CA ALA A 267 11.39 -45.49 11.61
C ALA A 267 12.64 -44.98 10.85
N ILE A 268 12.83 -43.66 10.76
CA ILE A 268 14.06 -43.03 10.25
C ILE A 268 15.26 -43.33 11.17
N TRP A 269 15.08 -43.17 12.48
CA TRP A 269 16.09 -43.51 13.48
C TRP A 269 16.48 -44.99 13.44
N HIS A 270 15.53 -45.91 13.47
CA HIS A 270 15.82 -47.35 13.54
C HIS A 270 16.50 -47.92 12.30
N SER A 271 16.44 -47.22 11.16
CA SER A 271 17.02 -47.63 9.88
C SER A 271 18.37 -46.97 9.55
N ALA A 272 18.89 -46.05 10.36
CA ALA A 272 20.26 -45.52 10.27
C ALA A 272 21.34 -46.60 10.47
N LYS A 273 22.56 -46.40 9.94
CA LYS A 273 23.70 -47.31 10.19
C LYS A 273 24.14 -47.23 11.67
N PRO A 274 24.56 -48.32 12.32
CA PRO A 274 24.87 -48.34 13.76
C PRO A 274 25.85 -47.26 14.25
N GLU A 275 26.89 -46.96 13.50
CA GLU A 275 27.84 -45.88 13.78
C GLU A 275 27.18 -44.48 13.91
N ASN A 276 26.06 -44.27 13.22
CA ASN A 276 25.34 -43.00 13.12
C ASN A 276 24.00 -43.00 13.88
N ARG A 277 23.58 -44.17 14.39
CA ARG A 277 22.23 -44.40 14.94
C ARG A 277 21.97 -43.66 16.25
N ALA A 278 22.97 -43.57 17.12
CA ALA A 278 22.92 -42.80 18.36
C ALA A 278 22.80 -41.29 18.10
N LYS A 279 23.59 -40.75 17.17
CA LYS A 279 23.56 -39.33 16.78
C LYS A 279 22.24 -38.93 16.14
N VAL A 280 21.71 -39.79 15.25
CA VAL A 280 20.41 -39.59 14.57
C VAL A 280 19.23 -39.68 15.53
N GLY A 281 19.28 -40.56 16.54
CA GLY A 281 18.21 -40.71 17.52
C GLY A 281 17.78 -39.41 18.19
N GLY A 282 18.72 -38.61 18.67
CA GLY A 282 18.43 -37.34 19.36
C GLY A 282 17.77 -36.29 18.47
N ILE A 283 18.13 -36.23 17.19
CA ILE A 283 17.47 -35.38 16.19
C ILE A 283 16.01 -35.83 16.03
N MET A 284 15.79 -37.15 15.90
CA MET A 284 14.45 -37.70 15.68
C MET A 284 13.55 -37.65 16.90
N ILE A 285 14.06 -37.88 18.11
CA ILE A 285 13.30 -37.71 19.35
C ILE A 285 12.89 -36.25 19.51
N SER A 286 13.88 -35.39 19.48
CA SER A 286 13.63 -33.95 19.54
C SER A 286 12.53 -33.68 18.55
N ALA A 287 12.66 -34.11 17.30
CA ALA A 287 11.69 -33.80 16.23
C ALA A 287 10.34 -34.47 16.46
N ALA A 288 10.24 -35.64 17.08
CA ALA A 288 8.99 -36.38 17.38
C ALA A 288 8.23 -35.75 18.51
N LEU A 289 8.91 -35.18 19.49
CA LEU A 289 8.32 -34.42 20.61
C LEU A 289 7.85 -33.03 20.18
N THR A 290 8.54 -32.37 19.26
CA THR A 290 8.08 -31.10 18.68
C THR A 290 6.76 -31.29 17.91
N SER A 291 6.66 -32.34 17.09
CA SER A 291 5.41 -32.64 16.37
C SER A 291 4.28 -33.03 17.33
N PHE A 292 4.56 -33.91 18.29
CA PHE A 292 3.59 -34.39 19.25
C PHE A 292 3.04 -33.29 20.16
N LEU A 293 3.88 -32.43 20.73
CA LEU A 293 3.45 -31.44 21.71
C LEU A 293 2.81 -30.21 21.06
N THR A 294 3.50 -29.71 20.04
CA THR A 294 3.14 -28.46 19.39
C THR A 294 2.61 -28.44 18.00
N GLY A 295 2.65 -29.54 17.32
CA GLY A 295 2.18 -29.71 15.96
C GLY A 295 3.02 -29.01 14.90
N ILE A 296 4.25 -28.59 15.21
CA ILE A 296 5.22 -28.12 14.22
C ILE A 296 5.92 -29.35 13.62
N THR A 297 5.81 -29.55 12.31
CA THR A 297 6.16 -30.81 11.64
C THR A 297 7.41 -30.72 10.77
N GLU A 298 7.99 -29.61 10.43
CA GLU A 298 9.16 -29.55 9.53
C GLU A 298 10.44 -30.17 10.00
N PRO A 299 10.74 -30.15 11.27
CA PRO A 299 11.97 -30.87 11.60
C PRO A 299 11.92 -32.38 11.34
N ILE A 300 10.73 -33.00 11.31
CA ILE A 300 10.56 -34.39 10.83
C ILE A 300 10.40 -34.41 9.31
N GLU A 301 9.55 -33.59 8.71
CA GLU A 301 9.34 -33.59 7.25
C GLU A 301 10.62 -33.29 6.48
N PHE A 302 11.32 -32.20 6.78
CA PHE A 302 12.56 -31.81 6.10
C PHE A 302 13.71 -32.81 6.31
N SER A 303 13.62 -33.73 7.27
CA SER A 303 14.65 -34.76 7.48
C SER A 303 14.69 -35.82 6.36
N PHE A 304 13.58 -36.10 5.67
CA PHE A 304 13.53 -37.11 4.59
C PHE A 304 13.03 -36.55 3.24
N MET A 305 12.30 -35.44 3.23
CA MET A 305 11.56 -34.87 2.09
C MET A 305 12.33 -34.73 0.78
N PHE A 306 13.58 -34.28 0.81
CA PHE A 306 14.38 -34.07 -0.40
C PHE A 306 15.16 -35.31 -0.86
N VAL A 307 15.65 -36.11 0.08
CA VAL A 307 16.49 -37.29 -0.21
C VAL A 307 15.66 -38.57 -0.43
N ALA A 308 14.39 -38.56 -0.05
CA ALA A 308 13.43 -39.64 -0.22
C ALA A 308 12.02 -39.13 -0.61
N PRO A 309 11.83 -38.47 -1.77
CA PRO A 309 10.53 -37.88 -2.15
C PRO A 309 9.35 -38.86 -2.21
N ILE A 310 9.57 -40.15 -2.45
CA ILE A 310 8.50 -41.17 -2.40
C ILE A 310 7.84 -41.27 -1.01
N LEU A 311 8.61 -41.13 0.08
CA LEU A 311 8.06 -41.11 1.43
C LEU A 311 7.19 -39.87 1.67
N TYR A 312 7.52 -38.76 1.02
CA TYR A 312 6.73 -37.54 1.13
C TYR A 312 5.43 -37.60 0.33
N ILE A 313 5.42 -38.24 -0.84
CA ILE A 313 4.20 -38.50 -1.62
C ILE A 313 3.25 -39.42 -0.85
N ILE A 314 3.74 -40.50 -0.25
CA ILE A 314 2.93 -41.38 0.61
C ILE A 314 2.38 -40.61 1.82
N HIS A 315 3.21 -39.84 2.51
CA HIS A 315 2.79 -38.96 3.59
C HIS A 315 1.72 -37.96 3.16
N ALA A 316 1.86 -37.27 2.02
CA ALA A 316 0.84 -36.33 1.56
C ALA A 316 -0.51 -37.02 1.28
N ILE A 317 -0.52 -38.22 0.72
CA ILE A 317 -1.72 -39.05 0.55
C ILE A 317 -2.33 -39.39 1.91
N LEU A 318 -1.55 -39.92 2.85
CA LEU A 318 -2.05 -40.30 4.18
C LEU A 318 -2.49 -39.10 5.03
N ALA A 319 -1.85 -37.94 4.88
CA ALA A 319 -2.26 -36.69 5.50
C ALA A 319 -3.57 -36.16 4.90
N GLY A 320 -3.78 -36.29 3.58
CA GLY A 320 -5.07 -36.01 2.94
C GLY A 320 -6.18 -36.93 3.46
N LEU A 321 -5.99 -38.25 3.39
CA LEU A 321 -6.95 -39.25 3.86
C LEU A 321 -7.30 -39.12 5.36
N ALA A 322 -6.47 -38.48 6.19
CA ALA A 322 -6.77 -38.23 7.60
C ALA A 322 -8.01 -37.35 7.83
N PHE A 323 -8.29 -36.39 6.95
CA PHE A 323 -9.45 -35.50 7.12
C PHE A 323 -10.79 -36.18 6.80
N PRO A 324 -10.97 -36.90 5.68
CA PRO A 324 -12.06 -37.84 5.48
C PRO A 324 -12.32 -38.77 6.66
N ILE A 325 -11.29 -39.43 7.22
CA ILE A 325 -11.47 -40.41 8.29
C ILE A 325 -12.15 -39.78 9.51
N CYS A 326 -11.69 -38.61 9.95
CA CYS A 326 -12.33 -37.92 11.05
C CYS A 326 -13.76 -37.48 10.75
N ILE A 327 -14.05 -36.97 9.55
CA ILE A 327 -15.40 -36.54 9.18
C ILE A 327 -16.36 -37.73 9.06
N LEU A 328 -15.91 -38.86 8.53
CA LEU A 328 -16.69 -40.09 8.37
C LEU A 328 -16.95 -40.78 9.70
N LEU A 329 -15.96 -40.89 10.59
CA LEU A 329 -16.13 -41.45 11.94
C LEU A 329 -16.84 -40.50 12.92
N GLY A 330 -16.86 -39.21 12.62
CA GLY A 330 -17.54 -38.19 13.43
C GLY A 330 -16.73 -37.75 14.64
N MET A 331 -15.41 -37.71 14.51
CA MET A 331 -14.49 -37.32 15.57
C MET A 331 -13.98 -35.91 15.28
N ARG A 332 -14.28 -35.04 16.25
CA ARG A 332 -13.97 -33.63 16.08
C ARG A 332 -13.13 -33.09 17.22
N ASP A 333 -12.25 -32.18 16.90
CA ASP A 333 -11.54 -31.37 17.87
C ASP A 333 -10.91 -30.15 17.16
N GLY A 334 -10.64 -29.08 17.89
CA GLY A 334 -10.21 -27.81 17.34
C GLY A 334 -8.70 -27.62 17.32
N THR A 335 -8.23 -26.69 16.50
CA THR A 335 -6.89 -26.12 16.60
C THR A 335 -6.96 -24.60 16.62
N SER A 336 -6.02 -23.97 17.30
CA SER A 336 -5.79 -22.52 17.31
C SER A 336 -4.35 -22.19 16.88
N PHE A 337 -3.44 -23.16 16.89
CA PHE A 337 -2.07 -23.03 16.42
C PHE A 337 -1.70 -24.15 15.43
N SER A 338 -1.62 -25.39 15.91
CA SER A 338 -1.46 -26.60 15.11
C SER A 338 -1.81 -27.82 15.95
N HIS A 339 -2.01 -28.96 15.32
CA HIS A 339 -2.53 -30.20 15.91
C HIS A 339 -1.53 -30.98 16.77
N GLY A 340 -0.98 -30.35 17.80
CA GLY A 340 -0.25 -31.04 18.86
C GLY A 340 -1.09 -31.24 20.12
N LEU A 341 -0.52 -31.90 21.11
CA LEU A 341 -1.17 -32.23 22.37
C LEU A 341 -1.71 -31.00 23.12
N ILE A 342 -1.05 -29.85 23.00
CA ILE A 342 -1.51 -28.61 23.61
C ILE A 342 -2.89 -28.22 23.06
N ASP A 343 -3.06 -28.07 21.75
CA ASP A 343 -4.38 -27.78 21.17
C ASP A 343 -5.41 -28.89 21.44
N PHE A 344 -5.00 -30.15 21.36
CA PHE A 344 -5.86 -31.30 21.64
C PHE A 344 -6.46 -31.26 23.05
N ILE A 345 -5.68 -30.94 24.09
CA ILE A 345 -6.23 -30.82 25.45
C ILE A 345 -7.00 -29.50 25.62
N VAL A 346 -6.45 -28.37 25.16
CA VAL A 346 -7.03 -27.03 25.37
C VAL A 346 -8.41 -26.87 24.72
N LEU A 347 -8.60 -27.34 23.49
CA LEU A 347 -9.82 -27.14 22.71
C LEU A 347 -10.83 -28.29 22.81
N SER A 348 -10.62 -29.23 23.72
CA SER A 348 -11.42 -30.43 23.92
C SER A 348 -12.87 -30.21 24.36
N GLY A 349 -13.24 -29.03 24.84
CA GLY A 349 -14.58 -28.78 25.38
C GLY A 349 -15.71 -28.89 24.36
N ASN A 350 -15.51 -28.42 23.13
CA ASN A 350 -16.48 -28.54 22.03
C ASN A 350 -16.37 -29.85 21.23
N SER A 351 -15.50 -30.79 21.65
CA SER A 351 -15.15 -31.97 20.88
C SER A 351 -16.27 -33.02 20.75
N SER A 352 -16.09 -33.95 19.81
CA SER A 352 -16.93 -35.15 19.67
C SER A 352 -16.07 -36.39 19.50
N LYS A 353 -16.43 -37.49 20.16
CA LYS A 353 -15.73 -38.80 20.13
C LYS A 353 -14.21 -38.72 20.37
N LEU A 354 -13.78 -37.90 21.33
CA LEU A 354 -12.37 -37.60 21.57
C LEU A 354 -11.49 -38.84 21.82
N TRP A 355 -12.09 -39.87 22.41
CA TRP A 355 -11.48 -41.16 22.67
C TRP A 355 -11.09 -41.95 21.39
N LEU A 356 -11.59 -41.60 20.20
CA LEU A 356 -11.14 -42.20 18.94
C LEU A 356 -9.79 -41.69 18.44
N PHE A 357 -9.32 -40.51 18.83
CA PHE A 357 -8.02 -40.03 18.35
C PHE A 357 -6.84 -40.93 18.76
N PRO A 358 -6.71 -41.39 20.02
CA PRO A 358 -5.79 -42.47 20.37
C PRO A 358 -5.94 -43.76 19.56
N ILE A 359 -7.17 -44.21 19.30
CA ILE A 359 -7.46 -45.50 18.64
C ILE A 359 -7.14 -45.46 17.13
N VAL A 360 -7.51 -44.40 16.43
CA VAL A 360 -7.15 -44.22 15.01
C VAL A 360 -5.68 -43.78 14.87
N GLY A 361 -5.17 -43.01 15.84
CA GLY A 361 -3.78 -42.62 15.97
C GLY A 361 -2.80 -43.78 16.06
N ILE A 362 -3.05 -44.81 16.87
CA ILE A 362 -2.19 -46.01 16.89
C ILE A 362 -2.21 -46.76 15.55
N GLY A 363 -3.30 -46.69 14.78
CA GLY A 363 -3.33 -47.12 13.39
C GLY A 363 -2.42 -46.30 12.48
N TYR A 364 -2.48 -44.97 12.56
CA TYR A 364 -1.57 -44.07 11.85
C TYR A 364 -0.10 -44.28 12.24
N ALA A 365 0.19 -44.53 13.51
CA ALA A 365 1.53 -44.87 13.98
C ALA A 365 2.01 -46.19 13.36
N ILE A 366 1.21 -47.26 13.37
CA ILE A 366 1.59 -48.54 12.77
C ILE A 366 1.82 -48.40 11.26
N VAL A 367 0.95 -47.68 10.56
CA VAL A 367 1.06 -47.46 9.11
C VAL A 367 2.30 -46.63 8.74
N TYR A 368 2.51 -45.46 9.32
CA TYR A 368 3.70 -44.65 9.02
C TYR A 368 5.00 -45.37 9.41
N TYR A 369 5.08 -46.00 10.59
CA TYR A 369 6.27 -46.73 10.98
C TYR A 369 6.62 -47.85 10.00
N THR A 370 5.65 -48.71 9.68
CA THR A 370 5.90 -49.88 8.83
C THR A 370 6.16 -49.50 7.37
N ILE A 371 5.53 -48.46 6.83
CA ILE A 371 5.86 -47.93 5.50
C ILE A 371 7.31 -47.46 5.48
N PHE A 372 7.71 -46.61 6.42
CA PHE A 372 9.04 -46.02 6.43
C PHE A 372 10.13 -47.07 6.66
N ARG A 373 10.04 -47.91 7.67
CA ARG A 373 11.05 -48.98 7.86
C ARG A 373 11.21 -49.85 6.58
N VAL A 374 10.14 -50.31 5.94
CA VAL A 374 10.19 -51.20 4.77
C VAL A 374 10.76 -50.48 3.56
N LEU A 375 10.23 -49.31 3.18
CA LEU A 375 10.69 -48.59 1.99
C LEU A 375 12.13 -48.10 2.11
N ILE A 376 12.58 -47.65 3.30
CA ILE A 376 13.95 -47.16 3.48
C ILE A 376 14.96 -48.27 3.24
N LYS A 377 14.74 -49.47 3.78
CA LYS A 377 15.59 -50.64 3.50
C LYS A 377 15.48 -51.09 2.04
N ALA A 378 14.25 -51.31 1.55
CA ALA A 378 14.01 -51.93 0.25
C ALA A 378 14.52 -51.09 -0.91
N LEU A 379 14.29 -49.78 -0.90
CA LEU A 379 14.69 -48.86 -1.96
C LEU A 379 16.10 -48.28 -1.71
N ASP A 380 16.73 -48.65 -0.58
CA ASP A 380 17.96 -48.05 -0.05
C ASP A 380 17.95 -46.52 -0.06
N LEU A 381 16.90 -45.94 0.53
CA LEU A 381 16.74 -44.48 0.60
C LEU A 381 17.80 -43.90 1.54
N LYS A 382 18.45 -42.81 1.15
CA LYS A 382 19.54 -42.20 1.92
C LYS A 382 19.03 -41.21 2.98
N THR A 383 18.08 -41.66 3.80
CA THR A 383 17.56 -40.94 4.98
C THR A 383 18.66 -40.72 6.03
N PRO A 384 18.46 -39.84 7.02
CA PRO A 384 19.45 -39.55 8.06
C PRO A 384 20.12 -40.80 8.63
N GLY A 385 21.45 -40.80 8.65
CA GLY A 385 22.26 -41.91 9.13
C GLY A 385 22.62 -42.97 8.09
N ARG A 386 22.28 -42.76 6.82
CA ARG A 386 22.64 -43.69 5.71
C ARG A 386 23.23 -42.87 4.55
N ASN B 4 28.07 15.79 6.24
CA ASN B 4 27.31 14.62 5.78
C ASN B 4 25.83 14.87 5.45
N ALA B 5 25.27 16.04 5.80
CA ALA B 5 23.86 16.37 5.61
C ALA B 5 23.42 16.38 4.12
N PHE B 6 24.29 16.77 3.19
CA PHE B 6 23.95 16.85 1.77
C PHE B 6 23.56 15.47 1.20
N ALA B 7 24.29 14.42 1.55
CA ALA B 7 23.95 13.05 1.15
C ALA B 7 22.58 12.59 1.68
N ASN B 8 22.09 13.16 2.80
CA ASN B 8 20.75 12.91 3.29
C ASN B 8 19.70 13.78 2.59
N LEU B 9 19.98 15.03 2.24
CA LEU B 9 19.06 15.87 1.45
C LEU B 9 18.83 15.30 0.05
N GLN B 10 19.82 14.66 -0.56
CA GLN B 10 19.61 13.87 -1.78
C GLN B 10 18.59 12.75 -1.55
N LYS B 11 18.72 11.97 -0.47
CA LYS B 11 17.79 10.89 -0.12
C LYS B 11 16.38 11.42 0.17
N VAL B 12 16.24 12.55 0.84
CA VAL B 12 14.95 13.22 1.05
C VAL B 12 14.32 13.62 -0.29
N GLY B 13 15.03 14.32 -1.17
CA GLY B 13 14.53 14.67 -2.50
C GLY B 13 14.09 13.45 -3.31
N LYS B 14 14.97 12.45 -3.42
CA LYS B 14 14.69 11.17 -4.08
C LYS B 14 13.46 10.47 -3.51
N SER B 15 13.27 10.48 -2.20
CA SER B 15 12.10 9.90 -1.54
C SER B 15 10.78 10.62 -1.86
N LEU B 16 10.82 11.94 -2.05
CA LEU B 16 9.65 12.77 -2.35
C LEU B 16 9.28 12.81 -3.84
N MET B 17 10.24 12.57 -4.74
CA MET B 17 9.97 12.53 -6.18
C MET B 17 9.11 11.33 -6.63
N LEU B 18 9.02 10.26 -5.82
CA LEU B 18 8.05 9.17 -6.04
C LEU B 18 6.60 9.65 -5.81
N PRO B 19 6.22 10.20 -4.64
CA PRO B 19 4.95 10.89 -4.45
C PRO B 19 4.63 11.96 -5.50
N VAL B 20 5.57 12.84 -5.85
CA VAL B 20 5.37 13.87 -6.89
C VAL B 20 4.94 13.27 -8.21
N SER B 21 5.52 12.14 -8.61
CA SER B 21 5.27 11.53 -9.92
C SER B 21 3.80 11.16 -10.18
N VAL B 22 2.98 10.99 -9.14
CA VAL B 22 1.54 10.67 -9.29
C VAL B 22 0.58 11.82 -8.97
N LEU B 23 1.06 12.95 -8.44
CA LEU B 23 0.21 14.11 -8.17
C LEU B 23 -0.44 14.75 -9.41
N PRO B 24 0.25 15.01 -10.54
CA PRO B 24 -0.38 15.70 -11.66
C PRO B 24 -1.46 14.86 -12.36
N ILE B 25 -1.27 13.55 -12.56
CA ILE B 25 -2.33 12.69 -13.11
C ILE B 25 -3.55 12.60 -12.19
N ALA B 26 -3.35 12.51 -10.88
CA ALA B 26 -4.43 12.55 -9.90
C ALA B 26 -5.20 13.88 -9.93
N GLY B 27 -4.50 15.01 -10.03
CA GLY B 27 -5.10 16.32 -10.16
C GLY B 27 -5.89 16.52 -11.46
N ILE B 28 -5.42 16.00 -12.59
CA ILE B 28 -6.16 16.01 -13.85
C ILE B 28 -7.41 15.13 -13.76
N LEU B 29 -7.32 13.91 -13.23
CA LEU B 29 -8.47 13.02 -13.07
C LEU B 29 -9.53 13.61 -12.13
N LEU B 30 -9.14 14.07 -10.93
CA LEU B 30 -10.06 14.68 -9.98
C LEU B 30 -10.62 16.00 -10.50
N GLY B 31 -9.82 16.84 -11.16
CA GLY B 31 -10.28 18.10 -11.76
C GLY B 31 -11.30 17.90 -12.87
N VAL B 32 -10.97 17.12 -13.91
CA VAL B 32 -11.88 16.83 -15.02
C VAL B 32 -13.11 16.05 -14.57
N GLY B 33 -12.97 15.14 -13.61
CA GLY B 33 -14.09 14.37 -13.08
C GLY B 33 -15.03 15.17 -12.20
N SER B 34 -14.53 15.86 -11.18
CA SER B 34 -15.35 16.64 -10.25
C SER B 34 -15.98 17.89 -10.87
N ALA B 35 -15.49 18.36 -12.02
CA ALA B 35 -16.13 19.42 -12.78
C ALA B 35 -17.53 19.04 -13.31
N ASN B 36 -17.82 17.73 -13.45
CA ASN B 36 -19.13 17.21 -13.86
C ASN B 36 -19.69 17.90 -15.12
N PHE B 37 -18.89 17.98 -16.18
CA PHE B 37 -19.27 18.64 -17.42
C PHE B 37 -20.52 18.02 -18.05
N SER B 38 -21.31 18.82 -18.77
CA SER B 38 -22.47 18.34 -19.52
C SER B 38 -22.11 17.57 -20.78
N TRP B 39 -20.97 17.87 -21.42
CA TRP B 39 -20.54 17.24 -22.68
C TRP B 39 -19.89 15.87 -22.51
N LEU B 40 -19.46 15.53 -21.30
CA LEU B 40 -18.82 14.28 -20.93
C LEU B 40 -19.78 13.47 -20.03
N PRO B 41 -20.01 12.16 -20.28
CA PRO B 41 -21.08 11.43 -19.62
C PRO B 41 -20.89 11.21 -18.11
N ALA B 42 -21.99 10.94 -17.42
CA ALA B 42 -22.06 10.92 -15.97
C ALA B 42 -21.12 9.90 -15.34
N VAL B 43 -21.15 8.65 -15.83
CA VAL B 43 -20.29 7.56 -15.34
C VAL B 43 -18.80 7.83 -15.55
N VAL B 44 -18.43 8.42 -16.68
CA VAL B 44 -17.02 8.79 -16.97
C VAL B 44 -16.51 9.82 -15.98
N SER B 45 -17.34 10.82 -15.67
CA SER B 45 -17.04 11.84 -14.66
C SER B 45 -16.84 11.24 -13.27
N HIS B 46 -17.74 10.35 -12.83
CA HIS B 46 -17.62 9.69 -11.52
C HIS B 46 -16.42 8.76 -11.44
N VAL B 47 -16.13 7.96 -12.47
CA VAL B 47 -14.93 7.11 -12.49
C VAL B 47 -13.66 7.93 -12.41
N MET B 48 -13.55 9.03 -13.17
CA MET B 48 -12.40 9.93 -13.08
C MET B 48 -12.24 10.57 -11.70
N ALA B 49 -13.33 11.06 -11.13
CA ALA B 49 -13.32 11.66 -9.80
C ALA B 49 -12.88 10.65 -8.72
N GLU B 50 -13.45 9.45 -8.70
CA GLU B 50 -13.09 8.42 -7.72
C GLU B 50 -11.71 7.81 -7.96
N ALA B 51 -11.23 7.71 -9.20
CA ALA B 51 -9.85 7.31 -9.50
C ALA B 51 -8.83 8.35 -9.01
N GLY B 52 -9.02 9.63 -9.35
CA GLY B 52 -8.13 10.71 -8.89
C GLY B 52 -8.16 10.89 -7.38
N GLY B 53 -9.35 10.87 -6.78
CA GLY B 53 -9.54 10.90 -5.33
C GLY B 53 -8.91 9.72 -4.60
N SER B 54 -8.80 8.55 -5.23
CA SER B 54 -8.07 7.41 -4.67
C SER B 54 -6.58 7.66 -4.52
N VAL B 55 -5.93 8.29 -5.50
CA VAL B 55 -4.49 8.60 -5.42
C VAL B 55 -4.21 9.62 -4.32
N PHE B 56 -5.05 10.66 -4.17
CA PHE B 56 -4.97 11.59 -3.05
C PHE B 56 -5.22 10.91 -1.71
N ALA B 57 -6.22 10.03 -1.59
CA ALA B 57 -6.47 9.29 -0.35
C ALA B 57 -5.32 8.34 0.04
N ASN B 58 -4.58 7.79 -0.93
CA ASN B 58 -3.40 6.95 -0.71
C ASN B 58 -2.11 7.74 -0.44
N MET B 59 -2.13 9.08 -0.39
CA MET B 59 -0.91 9.87 -0.21
C MET B 59 -0.06 9.45 0.99
N PRO B 60 -0.58 9.24 2.21
CA PRO B 60 0.22 8.73 3.32
C PRO B 60 0.99 7.45 3.03
N LEU B 61 0.37 6.50 2.33
CA LEU B 61 0.98 5.23 1.96
C LEU B 61 2.02 5.38 0.83
N ILE B 62 1.74 6.23 -0.15
CA ILE B 62 2.66 6.62 -1.21
C ILE B 62 3.91 7.30 -0.64
N PHE B 63 3.77 8.19 0.35
CA PHE B 63 4.90 8.76 1.10
C PHE B 63 5.64 7.72 1.92
N ALA B 64 4.96 6.77 2.57
CA ALA B 64 5.63 5.71 3.31
C ALA B 64 6.53 4.86 2.41
N ILE B 65 6.05 4.51 1.21
CA ILE B 65 6.81 3.78 0.19
C ILE B 65 7.97 4.61 -0.35
N GLY B 66 7.75 5.88 -0.70
CA GLY B 66 8.81 6.78 -1.17
C GLY B 66 9.95 6.93 -0.16
N VAL B 67 9.65 7.11 1.12
CA VAL B 67 10.65 7.19 2.20
C VAL B 67 11.35 5.85 2.43
N ALA B 68 10.64 4.72 2.38
CA ALA B 68 11.26 3.41 2.49
C ALA B 68 12.23 3.12 1.35
N LEU B 69 11.83 3.37 0.11
CA LEU B 69 12.66 3.16 -1.08
C LEU B 69 13.83 4.13 -1.17
N GLY B 70 13.62 5.41 -0.84
CA GLY B 70 14.65 6.45 -0.91
C GLY B 70 15.83 6.26 0.04
N PHE B 71 15.62 5.58 1.18
CA PHE B 71 16.65 5.31 2.19
C PHE B 71 17.17 3.87 2.22
N THR B 72 16.72 3.00 1.30
CA THR B 72 17.13 1.59 1.20
C THR B 72 17.66 1.21 -0.18
N ASN B 73 17.99 2.18 -1.02
CA ASN B 73 18.40 1.99 -2.41
C ASN B 73 17.37 1.21 -3.25
N ASN B 74 16.11 1.63 -3.14
CA ASN B 74 14.97 1.16 -3.94
C ASN B 74 14.59 -0.32 -3.77
N ASP B 75 14.91 -0.95 -2.64
CA ASP B 75 14.52 -2.35 -2.38
C ASP B 75 13.03 -2.51 -2.03
N GLY B 76 12.30 -3.28 -2.83
CA GLY B 76 10.86 -3.50 -2.68
C GLY B 76 10.41 -4.11 -1.36
N VAL B 77 11.25 -4.86 -0.64
CA VAL B 77 10.85 -5.40 0.67
C VAL B 77 10.70 -4.28 1.70
N SER B 78 11.39 -3.16 1.54
CA SER B 78 11.16 -1.97 2.36
C SER B 78 9.82 -1.32 2.05
N ALA B 79 9.35 -1.31 0.80
CA ALA B 79 8.03 -0.83 0.44
C ALA B 79 6.93 -1.71 1.03
N LEU B 80 7.09 -3.03 1.00
CA LEU B 80 6.19 -3.95 1.69
C LEU B 80 6.19 -3.71 3.21
N ALA B 81 7.36 -3.55 3.83
CA ALA B 81 7.47 -3.27 5.26
C ALA B 81 6.83 -1.94 5.67
N ALA B 82 6.91 -0.92 4.83
CA ALA B 82 6.24 0.36 5.04
C ALA B 82 4.71 0.26 4.94
N VAL B 83 4.18 -0.56 4.02
CA VAL B 83 2.75 -0.83 3.90
C VAL B 83 2.21 -1.59 5.12
N VAL B 84 2.95 -2.60 5.59
CA VAL B 84 2.61 -3.35 6.81
C VAL B 84 2.72 -2.48 8.07
N ALA B 85 3.75 -1.65 8.19
CA ALA B 85 3.90 -0.72 9.29
C ALA B 85 2.79 0.33 9.35
N TYR B 86 2.45 0.97 8.23
CA TYR B 86 1.45 2.03 8.19
C TYR B 86 0.08 1.57 8.66
N GLY B 87 -0.40 0.43 8.16
CA GLY B 87 -1.68 -0.13 8.58
C GLY B 87 -1.73 -0.53 10.05
N ILE B 88 -0.65 -1.04 10.63
CA ILE B 88 -0.59 -1.36 12.06
C ILE B 88 -0.58 -0.08 12.91
N MET B 89 0.08 0.95 12.46
CA MET B 89 0.20 2.18 13.21
C MET B 89 -1.03 3.01 13.25
N VAL B 90 -1.73 3.11 12.17
CA VAL B 90 -3.05 3.77 12.09
C VAL B 90 -4.09 3.06 12.96
N LYS B 91 -4.17 1.74 12.88
CA LYS B 91 -5.05 0.93 13.74
C LYS B 91 -4.69 1.04 15.23
N THR B 92 -3.42 1.09 15.58
CA THR B 92 -2.99 1.25 16.99
C THR B 92 -3.39 2.61 17.55
N MET B 93 -3.28 3.68 16.77
CA MET B 93 -3.76 5.00 17.19
C MET B 93 -5.27 5.05 17.40
N ALA B 94 -6.07 4.39 16.57
CA ALA B 94 -7.51 4.32 16.77
C ALA B 94 -7.92 3.67 18.10
N VAL B 95 -7.13 2.71 18.60
CA VAL B 95 -7.38 2.07 19.91
C VAL B 95 -6.89 2.92 21.08
N VAL B 96 -5.72 3.55 20.95
CA VAL B 96 -5.06 4.23 22.09
C VAL B 96 -5.43 5.71 22.21
N ALA B 97 -5.69 6.43 21.12
CA ALA B 97 -6.06 7.83 21.18
C ALA B 97 -7.32 8.13 22.02
N PRO B 98 -8.41 7.34 21.97
CA PRO B 98 -9.56 7.50 22.87
C PRO B 98 -9.17 7.48 24.35
N LEU B 99 -8.29 6.55 24.74
CA LEU B 99 -7.82 6.40 26.11
C LEU B 99 -7.02 7.61 26.55
N VAL B 100 -6.09 8.05 25.71
CA VAL B 100 -5.20 9.20 25.99
C VAL B 100 -5.99 10.50 26.08
N LEU B 101 -6.90 10.77 25.14
CA LEU B 101 -7.68 12.01 25.04
C LEU B 101 -8.85 12.12 26.03
N HIS B 102 -9.40 11.00 26.52
CA HIS B 102 -10.58 10.98 27.44
C HIS B 102 -11.84 11.39 26.67
N LEU B 103 -11.92 11.04 25.38
CA LEU B 103 -13.09 11.29 24.52
C LEU B 103 -13.52 9.96 23.87
N PRO B 104 -14.83 9.72 23.64
CA PRO B 104 -15.33 8.51 22.98
C PRO B 104 -14.72 8.27 21.61
N ALA B 105 -14.49 7.01 21.25
CA ALA B 105 -13.80 6.66 20.00
C ALA B 105 -14.51 7.16 18.73
N GLU B 106 -15.84 7.29 18.79
CA GLU B 106 -16.65 7.88 17.71
C GLU B 106 -16.39 9.39 17.52
N GLU B 107 -16.12 10.12 18.59
CA GLU B 107 -15.73 11.53 18.53
C GLU B 107 -14.33 11.69 17.90
N ILE B 108 -13.35 10.86 18.28
CA ILE B 108 -12.04 10.83 17.62
C ILE B 108 -12.19 10.55 16.13
N ALA B 109 -12.94 9.50 15.75
CA ALA B 109 -13.08 9.07 14.36
C ALA B 109 -13.83 10.11 13.51
N SER B 110 -14.94 10.66 14.01
CA SER B 110 -15.74 11.64 13.27
C SER B 110 -15.10 13.03 13.16
N LYS B 111 -14.34 13.48 14.17
CA LYS B 111 -13.63 14.77 14.16
C LYS B 111 -12.17 14.68 13.67
N HIS B 112 -11.69 13.49 13.29
CA HIS B 112 -10.32 13.23 12.83
C HIS B 112 -9.23 13.65 13.85
N LEU B 113 -9.49 13.52 15.16
CA LEU B 113 -8.56 13.97 16.20
C LEU B 113 -7.24 13.18 16.25
N ALA B 114 -7.25 11.93 15.76
CA ALA B 114 -6.09 11.04 15.69
C ALA B 114 -5.55 10.85 14.26
N ASP B 115 -6.02 11.61 13.28
CA ASP B 115 -5.58 11.50 11.88
C ASP B 115 -4.23 12.22 11.66
N THR B 116 -3.15 11.45 11.53
CA THR B 116 -1.78 11.97 11.34
C THR B 116 -1.46 12.35 9.89
N GLY B 117 -2.32 12.04 8.91
CA GLY B 117 -2.08 12.35 7.50
C GLY B 117 -0.77 11.80 6.95
N VAL B 118 -0.10 12.58 6.10
CA VAL B 118 1.20 12.22 5.49
C VAL B 118 2.33 12.04 6.50
N LEU B 119 2.29 12.71 7.66
CA LEU B 119 3.32 12.61 8.69
C LEU B 119 3.43 11.19 9.27
N GLY B 120 2.30 10.52 9.49
CA GLY B 120 2.31 9.10 9.88
C GLY B 120 2.80 8.16 8.77
N GLY B 121 2.61 8.54 7.50
CA GLY B 121 3.20 7.88 6.35
C GLY B 121 4.73 7.97 6.35
N ILE B 122 5.27 9.18 6.51
CA ILE B 122 6.71 9.43 6.61
C ILE B 122 7.34 8.62 7.75
N ILE B 123 6.74 8.62 8.93
CA ILE B 123 7.20 7.80 10.08
C ILE B 123 7.17 6.30 9.77
N SER B 124 6.12 5.79 9.12
CA SER B 124 6.04 4.37 8.73
C SER B 124 7.12 3.99 7.72
N GLY B 125 7.46 4.87 6.79
CA GLY B 125 8.60 4.70 5.89
C GLY B 125 9.95 4.77 6.60
N ALA B 126 10.10 5.64 7.59
CA ALA B 126 11.32 5.76 8.39
C ALA B 126 11.59 4.52 9.25
N ILE B 127 10.54 3.90 9.83
CA ILE B 127 10.63 2.58 10.46
C ILE B 127 11.10 1.54 9.44
N ALA B 128 10.43 1.40 8.29
CA ALA B 128 10.81 0.40 7.30
C ALA B 128 12.26 0.56 6.79
N ALA B 129 12.71 1.78 6.53
CA ALA B 129 14.08 2.07 6.13
C ALA B 129 15.11 1.74 7.22
N TYR B 130 14.86 2.12 8.47
CA TYR B 130 15.74 1.81 9.58
C TYR B 130 15.84 0.30 9.82
N MET B 131 14.70 -0.40 9.86
CA MET B 131 14.66 -1.84 10.06
C MET B 131 15.32 -2.58 8.89
N PHE B 132 15.20 -2.11 7.65
CA PHE B 132 15.92 -2.69 6.53
C PHE B 132 17.43 -2.55 6.71
N ASN B 133 17.96 -1.34 6.85
CA ASN B 133 19.41 -1.13 6.95
C ASN B 133 20.06 -1.80 8.17
N ARG B 134 19.32 -2.07 9.25
CA ARG B 134 19.87 -2.79 10.42
C ARG B 134 19.68 -4.31 10.32
N PHE B 135 18.63 -4.82 9.66
CA PHE B 135 18.29 -6.25 9.71
C PHE B 135 18.18 -6.99 8.37
N TYR B 136 18.35 -6.37 7.20
CA TYR B 136 18.19 -7.07 5.91
C TYR B 136 19.13 -8.28 5.71
N ARG B 137 20.20 -8.38 6.50
CA ARG B 137 21.18 -9.48 6.50
C ARG B 137 21.15 -10.35 7.79
N ILE B 138 20.11 -10.23 8.62
CA ILE B 138 19.99 -10.97 9.89
C ILE B 138 20.03 -12.49 9.68
N LYS B 139 20.81 -13.21 10.50
CA LYS B 139 20.86 -14.68 10.53
C LYS B 139 20.13 -15.21 11.78
N LEU B 140 19.09 -16.00 11.55
CA LEU B 140 18.29 -16.66 12.59
C LEU B 140 18.77 -18.13 12.78
N PRO B 141 18.41 -18.80 13.89
CA PRO B 141 18.61 -20.24 14.04
C PRO B 141 17.78 -21.03 13.02
N GLU B 142 18.19 -22.26 12.69
CA GLU B 142 17.67 -23.00 11.54
C GLU B 142 16.16 -23.27 11.57
N TYR B 143 15.57 -23.41 12.78
CA TYR B 143 14.12 -23.56 12.96
C TYR B 143 13.29 -22.35 12.51
N LEU B 144 13.92 -21.18 12.33
CA LEU B 144 13.33 -19.95 11.78
C LEU B 144 14.02 -19.50 10.47
N GLY B 145 14.87 -20.33 9.87
CA GLY B 145 15.70 -19.96 8.71
C GLY B 145 14.91 -19.49 7.48
N PHE B 146 13.66 -19.96 7.31
CA PHE B 146 12.75 -19.50 6.26
C PHE B 146 12.36 -18.01 6.36
N PHE B 147 12.52 -17.39 7.54
CA PHE B 147 12.17 -16.00 7.83
C PHE B 147 13.40 -15.09 8.06
N ALA B 148 14.62 -15.58 7.84
CA ALA B 148 15.86 -14.82 7.98
C ALA B 148 16.05 -13.75 6.89
N GLY B 149 17.02 -12.86 7.07
CA GLY B 149 17.36 -11.80 6.11
C GLY B 149 16.20 -10.82 5.88
N LYS B 150 15.97 -10.43 4.63
CA LYS B 150 14.92 -9.48 4.23
C LYS B 150 13.53 -9.84 4.75
N ARG B 151 13.19 -11.12 4.85
CA ARG B 151 11.89 -11.61 5.35
C ARG B 151 11.60 -11.24 6.81
N PHE B 152 12.60 -10.93 7.62
CA PHE B 152 12.42 -10.39 8.98
C PHE B 152 11.94 -8.93 8.99
N VAL B 153 12.27 -8.15 7.96
CA VAL B 153 12.08 -6.69 7.95
C VAL B 153 10.61 -6.27 8.06
N PRO B 154 9.64 -6.82 7.31
CA PRO B 154 8.22 -6.53 7.52
C PRO B 154 7.71 -6.89 8.93
N ILE B 155 8.18 -7.99 9.52
CA ILE B 155 7.77 -8.46 10.86
C ILE B 155 8.20 -7.45 11.94
N ILE B 156 9.49 -7.11 12.00
CA ILE B 156 9.98 -6.16 13.00
C ILE B 156 9.45 -4.73 12.77
N SER B 157 9.19 -4.34 11.51
CA SER B 157 8.52 -3.08 11.19
C SER B 157 7.08 -3.02 11.71
N GLY B 158 6.34 -4.12 11.63
CA GLY B 158 5.01 -4.23 12.24
C GLY B 158 5.02 -4.16 13.75
N LEU B 159 5.95 -4.85 14.42
CA LEU B 159 6.11 -4.74 15.87
C LEU B 159 6.51 -3.33 16.31
N ALA B 160 7.43 -2.67 15.61
CA ALA B 160 7.80 -1.28 15.88
C ALA B 160 6.69 -0.27 15.56
N ALA B 161 5.80 -0.56 14.60
CA ALA B 161 4.63 0.26 14.31
C ALA B 161 3.62 0.29 15.46
N ILE B 162 3.53 -0.77 16.28
CA ILE B 162 2.71 -0.76 17.49
C ILE B 162 3.24 0.29 18.47
N PHE B 163 4.51 0.20 18.87
CA PHE B 163 5.10 1.15 19.82
C PHE B 163 5.09 2.59 19.29
N THR B 164 5.31 2.77 17.99
CA THR B 164 5.22 4.07 17.33
C THR B 164 3.80 4.64 17.38
N GLY B 165 2.77 3.83 17.14
CA GLY B 165 1.37 4.27 17.26
C GLY B 165 0.94 4.61 18.68
N VAL B 166 1.46 3.91 19.68
CA VAL B 166 1.26 4.28 21.10
C VAL B 166 1.88 5.65 21.36
N VAL B 167 3.15 5.86 21.00
CA VAL B 167 3.85 7.15 21.20
C VAL B 167 3.18 8.30 20.44
N LEU B 168 2.79 8.11 19.17
CA LEU B 168 2.03 9.10 18.41
C LEU B 168 0.68 9.44 19.05
N SER B 169 0.03 8.52 19.76
CA SER B 169 -1.21 8.83 20.47
C SER B 169 -1.01 9.84 21.60
N PHE B 170 0.18 9.91 22.20
CA PHE B 170 0.53 10.92 23.21
C PHE B 170 1.10 12.20 22.60
N ILE B 171 1.95 12.08 21.56
CA ILE B 171 2.67 13.18 20.94
C ILE B 171 1.79 13.98 19.96
N TRP B 172 0.88 13.27 19.29
CA TRP B 172 0.09 13.86 18.18
C TRP B 172 -0.82 15.02 18.59
N PRO B 173 -1.65 15.04 19.64
CA PRO B 173 -2.63 16.08 19.93
C PRO B 173 -2.11 17.54 19.90
N PRO B 174 -0.95 17.89 20.50
CA PRO B 174 -0.37 19.22 20.34
C PRO B 174 0.20 19.53 18.94
N ILE B 175 0.57 18.53 18.14
CA ILE B 175 0.97 18.69 16.73
C ILE B 175 -0.25 18.94 15.83
N GLY B 176 -1.30 18.12 15.91
CA GLY B 176 -2.52 18.27 15.12
C GLY B 176 -3.23 19.59 15.41
N SER B 177 -3.20 20.03 16.67
CA SER B 177 -3.64 21.36 17.09
C SER B 177 -2.86 22.49 16.41
N ALA B 178 -1.52 22.42 16.39
CA ALA B 178 -0.68 23.40 15.71
C ALA B 178 -0.89 23.42 14.19
N ILE B 179 -1.12 22.27 13.55
CA ILE B 179 -1.48 22.20 12.13
C ILE B 179 -2.83 22.87 11.86
N GLN B 180 -3.82 22.68 12.74
CA GLN B 180 -5.09 23.36 12.64
C GLN B 180 -4.96 24.89 12.79
N THR B 181 -4.20 25.39 13.78
CA THR B 181 -4.00 26.85 13.94
C THR B 181 -3.20 27.46 12.80
N PHE B 182 -2.22 26.77 12.21
CA PHE B 182 -1.57 27.24 10.97
C PHE B 182 -2.56 27.42 9.82
N SER B 183 -3.49 26.48 9.61
CA SER B 183 -4.47 26.59 8.53
C SER B 183 -5.38 27.82 8.70
N GLN B 184 -5.79 28.12 9.92
CA GLN B 184 -6.62 29.28 10.22
C GLN B 184 -5.82 30.58 10.13
N TRP B 185 -4.54 30.56 10.50
CA TRP B 185 -3.64 31.69 10.33
C TRP B 185 -3.41 32.04 8.86
N ALA B 186 -3.07 31.04 8.04
CA ALA B 186 -2.82 31.19 6.62
C ALA B 186 -4.07 31.60 5.84
N ALA B 187 -5.24 31.03 6.13
CA ALA B 187 -6.49 31.41 5.49
C ALA B 187 -7.00 32.80 5.93
N TYR B 188 -6.98 33.12 7.23
CA TYR B 188 -7.82 34.19 7.78
C TYR B 188 -7.12 35.25 8.62
N GLN B 189 -5.97 34.98 9.23
CA GLN B 189 -5.38 35.90 10.22
C GLN B 189 -4.20 36.70 9.68
N ASN B 190 -3.36 36.08 8.85
CA ASN B 190 -2.32 36.77 8.09
C ASN B 190 -2.08 36.10 6.73
N PRO B 191 -3.04 36.19 5.79
CA PRO B 191 -2.87 35.67 4.43
C PRO B 191 -1.80 36.42 3.62
N VAL B 192 -1.54 37.70 3.92
CA VAL B 192 -0.46 38.47 3.27
C VAL B 192 0.88 37.81 3.52
N VAL B 193 1.24 37.54 4.77
CA VAL B 193 2.51 36.87 5.09
C VAL B 193 2.50 35.41 4.63
N ALA B 194 1.43 34.67 4.86
CA ALA B 194 1.36 33.26 4.50
C ALA B 194 1.51 33.00 3.01
N PHE B 195 0.80 33.74 2.15
CA PHE B 195 0.88 33.53 0.72
C PHE B 195 2.13 34.16 0.07
N GLY B 196 2.76 35.14 0.70
CA GLY B 196 4.12 35.57 0.34
C GLY B 196 5.17 34.47 0.56
N ILE B 197 5.09 33.74 1.68
CA ILE B 197 5.93 32.56 1.94
C ILE B 197 5.59 31.42 0.97
N TYR B 198 4.34 31.20 0.61
CA TYR B 198 3.92 30.15 -0.36
C TYR B 198 4.49 30.38 -1.76
N GLY B 199 4.47 31.58 -2.24
CA GLY B 199 4.99 31.85 -3.58
C GLY B 199 6.50 31.70 -3.68
N PHE B 200 7.24 32.22 -2.69
CA PHE B 200 8.69 32.11 -2.66
C PHE B 200 9.16 30.65 -2.53
N ILE B 201 8.61 29.89 -1.59
CA ILE B 201 8.97 28.49 -1.38
C ILE B 201 8.55 27.63 -2.57
N GLU B 202 7.39 27.87 -3.20
CA GLU B 202 7.02 27.17 -4.42
C GLU B 202 8.07 27.36 -5.51
N ARG B 203 8.51 28.58 -5.72
CA ARG B 203 9.54 28.86 -6.74
C ARG B 203 10.79 28.05 -6.35
N CYS B 204 11.19 28.09 -5.10
CA CYS B 204 12.38 27.35 -4.68
C CYS B 204 12.33 25.84 -4.91
N LEU B 205 11.13 25.26 -5.01
CA LEU B 205 10.93 23.82 -5.19
C LEU B 205 10.71 23.41 -6.66
N VAL B 206 10.35 24.35 -7.53
CA VAL B 206 10.20 24.15 -8.98
C VAL B 206 11.44 23.56 -9.68
N PRO B 207 12.69 23.97 -9.43
CA PRO B 207 13.86 23.37 -10.06
C PRO B 207 13.96 21.85 -9.88
N PHE B 208 13.44 21.34 -8.77
CA PHE B 208 13.45 19.93 -8.39
C PHE B 208 12.13 19.20 -8.70
N GLY B 209 11.09 19.92 -9.13
CA GLY B 209 9.74 19.37 -9.29
C GLY B 209 9.01 19.10 -7.98
N LEU B 210 9.53 19.56 -6.84
CA LEU B 210 8.96 19.28 -5.51
C LEU B 210 7.78 20.18 -5.15
N HIS B 211 7.50 21.21 -5.95
CA HIS B 211 6.43 22.17 -5.69
C HIS B 211 5.04 21.56 -5.72
N HIS B 212 4.86 20.42 -6.39
CA HIS B 212 3.57 19.72 -6.44
C HIS B 212 3.16 19.32 -5.02
N ILE B 213 4.09 18.87 -4.18
CA ILE B 213 3.78 18.53 -2.78
C ILE B 213 3.42 19.76 -1.96
N TRP B 214 4.17 20.85 -2.10
CA TRP B 214 3.93 22.11 -1.41
C TRP B 214 2.59 22.75 -1.78
N ASN B 215 2.14 22.59 -3.02
CA ASN B 215 0.90 23.15 -3.53
C ASN B 215 -0.35 22.48 -2.95
N VAL B 216 -0.33 21.18 -2.61
CA VAL B 216 -1.50 20.45 -2.09
C VAL B 216 -2.16 21.14 -0.88
N PRO B 217 -1.48 21.50 0.21
CA PRO B 217 -2.14 22.12 1.36
C PRO B 217 -2.79 23.46 1.04
N PHE B 218 -2.10 24.36 0.32
CA PHE B 218 -2.67 25.67 -0.02
C PHE B 218 -3.81 25.58 -1.03
N GLN B 219 -3.68 24.73 -2.05
CA GLN B 219 -4.73 24.53 -3.06
C GLN B 219 -5.93 23.74 -2.57
N MET B 220 -5.74 22.73 -1.69
CA MET B 220 -6.84 21.78 -1.37
C MET B 220 -7.16 21.63 0.13
N GLN B 221 -6.44 22.26 1.07
CA GLN B 221 -6.67 22.01 2.48
C GLN B 221 -6.82 23.23 3.37
N ILE B 222 -6.26 24.39 3.05
CA ILE B 222 -6.29 25.64 3.81
C ILE B 222 -7.69 26.30 3.78
N GLY B 223 -8.23 26.59 4.97
CA GLY B 223 -9.56 27.17 5.18
C GLY B 223 -10.72 26.24 4.84
N GLU B 224 -11.92 26.63 5.27
CA GLU B 224 -13.19 25.91 5.06
C GLU B 224 -14.31 26.85 4.64
N TYR B 225 -15.16 26.45 3.71
CA TYR B 225 -16.37 27.16 3.31
C TYR B 225 -17.58 26.25 3.21
N THR B 226 -18.73 26.64 3.75
CA THR B 226 -20.03 26.00 3.48
C THR B 226 -20.94 26.94 2.70
N ASN B 227 -21.42 26.51 1.54
CA ASN B 227 -22.39 27.28 0.77
C ASN B 227 -23.83 27.10 1.29
N ALA B 228 -24.80 27.82 0.70
CA ALA B 228 -26.20 27.75 1.11
C ALA B 228 -26.85 26.37 0.91
N ALA B 229 -26.33 25.54 0.00
CA ALA B 229 -26.71 24.15 -0.19
C ALA B 229 -26.11 23.19 0.84
N GLY B 230 -25.25 23.68 1.75
CA GLY B 230 -24.60 22.89 2.79
C GLY B 230 -23.37 22.11 2.33
N GLN B 231 -22.89 22.28 1.10
CA GLN B 231 -21.65 21.65 0.63
C GLN B 231 -20.44 22.31 1.27
N VAL B 232 -19.49 21.53 1.77
CA VAL B 232 -18.28 22.02 2.44
C VAL B 232 -17.04 21.88 1.55
N PHE B 233 -16.27 22.97 1.42
CA PHE B 233 -15.13 23.11 0.53
C PHE B 233 -13.88 23.53 1.28
N HIS B 234 -12.75 22.89 1.00
CA HIS B 234 -11.45 23.13 1.63
C HIS B 234 -10.41 23.55 0.60
N GLY B 235 -9.48 24.42 0.95
CA GLY B 235 -8.40 24.87 0.06
C GLY B 235 -8.81 26.00 -0.88
N ASP B 236 -7.83 26.82 -1.29
CA ASP B 236 -8.13 28.07 -2.01
C ASP B 236 -8.84 27.84 -3.35
N ILE B 237 -8.49 26.78 -4.08
CA ILE B 237 -9.07 26.49 -5.41
C ILE B 237 -10.55 26.05 -5.30
N PRO B 238 -10.93 24.98 -4.55
CA PRO B 238 -12.33 24.63 -4.35
C PRO B 238 -13.16 25.74 -3.73
N ARG B 239 -12.64 26.47 -2.74
CA ARG B 239 -13.35 27.57 -2.08
C ARG B 239 -13.63 28.74 -3.01
N TYR B 240 -12.71 29.11 -3.91
CA TYR B 240 -12.96 30.14 -4.91
C TYR B 240 -14.05 29.72 -5.89
N MET B 241 -14.01 28.52 -6.44
CA MET B 241 -15.03 28.06 -7.41
C MET B 241 -16.38 27.93 -6.66
N ALA B 242 -16.41 27.50 -5.40
CA ALA B 242 -17.62 27.50 -4.58
C ALA B 242 -18.20 28.89 -4.26
N GLY B 243 -17.45 29.96 -4.49
CA GLY B 243 -17.91 31.33 -4.28
C GLY B 243 -17.58 31.93 -2.92
N ASP B 244 -16.62 31.38 -2.16
CA ASP B 244 -16.16 31.95 -0.88
C ASP B 244 -15.57 33.35 -1.06
N PRO B 245 -16.17 34.42 -0.50
CA PRO B 245 -15.64 35.78 -0.64
C PRO B 245 -14.21 35.97 -0.15
N THR B 246 -13.71 35.06 0.71
CA THR B 246 -12.36 35.14 1.30
C THR B 246 -11.42 34.15 0.61
N ALA B 247 -11.78 33.63 -0.56
CA ALA B 247 -10.90 32.75 -1.35
C ALA B 247 -10.05 33.63 -2.28
N GLY B 248 -9.39 33.04 -3.29
CA GLY B 248 -8.63 33.82 -4.28
C GLY B 248 -7.32 34.37 -3.73
N LYS B 249 -6.71 33.70 -2.74
CA LYS B 249 -5.39 34.11 -2.24
C LYS B 249 -4.25 33.73 -3.18
N LEU B 250 -4.41 32.68 -4.00
CA LEU B 250 -3.45 32.27 -5.03
C LEU B 250 -3.44 33.17 -6.28
N SER B 251 -4.19 34.28 -6.36
CA SER B 251 -4.29 35.09 -7.57
C SER B 251 -2.99 35.79 -8.00
N GLY B 252 -2.00 35.92 -7.11
CA GLY B 252 -0.68 36.50 -7.41
C GLY B 252 0.06 35.82 -8.56
N GLY B 253 -0.24 34.55 -8.85
CA GLY B 253 0.37 33.83 -9.96
C GLY B 253 0.17 34.48 -11.33
N PHE B 254 -0.94 35.19 -11.57
CA PHE B 254 -1.16 35.85 -12.86
C PHE B 254 -0.11 36.90 -13.16
N LEU B 255 0.40 37.60 -12.15
CA LEU B 255 1.38 38.67 -12.34
C LEU B 255 2.69 38.15 -12.93
N PHE B 256 3.32 37.16 -12.31
CA PHE B 256 4.58 36.63 -12.84
C PHE B 256 4.40 35.61 -13.96
N LYS B 257 3.34 34.79 -14.00
CA LYS B 257 3.16 33.80 -15.08
C LYS B 257 2.65 34.42 -16.39
N MET B 258 1.76 35.40 -16.36
CA MET B 258 1.29 36.06 -17.59
C MET B 258 2.15 37.24 -18.02
N TYR B 259 2.79 37.98 -17.10
CA TYR B 259 3.49 39.22 -17.46
C TYR B 259 5.00 39.19 -17.18
N GLY B 260 5.41 38.84 -15.97
CA GLY B 260 6.82 38.87 -15.58
C GLY B 260 7.72 37.91 -16.36
N LEU B 261 7.38 36.63 -16.39
CA LEU B 261 8.17 35.61 -17.09
C LEU B 261 8.15 35.77 -18.63
N PRO B 262 7.01 35.99 -19.29
CA PRO B 262 7.02 36.44 -20.68
C PRO B 262 7.93 37.64 -20.93
N ALA B 263 7.95 38.66 -20.08
CA ALA B 263 8.87 39.79 -20.23
C ALA B 263 10.34 39.40 -20.05
N ALA B 264 10.66 38.56 -19.07
CA ALA B 264 11.99 37.98 -18.89
C ALA B 264 12.47 37.21 -20.12
N ALA B 265 11.58 36.47 -20.80
CA ALA B 265 11.89 35.76 -22.04
C ALA B 265 12.37 36.70 -23.15
N ILE B 266 11.74 37.87 -23.30
CA ILE B 266 12.16 38.85 -24.31
C ILE B 266 13.48 39.52 -23.90
N ALA B 267 13.74 39.73 -22.60
CA ALA B 267 15.02 40.23 -22.10
C ALA B 267 16.18 39.23 -22.29
N ILE B 268 15.94 37.92 -22.19
CA ILE B 268 16.90 36.86 -22.54
C ILE B 268 17.18 36.87 -24.06
N TRP B 269 16.14 36.95 -24.88
CA TRP B 269 16.28 37.06 -26.34
C TRP B 269 17.06 38.31 -26.75
N HIS B 270 16.70 39.50 -26.27
CA HIS B 270 17.32 40.75 -26.71
C HIS B 270 18.80 40.89 -26.31
N SER B 271 19.28 40.11 -25.35
CA SER B 271 20.65 40.13 -24.84
C SER B 271 21.57 39.02 -25.40
N ALA B 272 21.06 38.10 -26.23
CA ALA B 272 21.87 37.13 -27.00
C ALA B 272 22.82 37.80 -28.01
N LYS B 273 23.93 37.16 -28.39
CA LYS B 273 24.82 37.65 -29.45
C LYS B 273 24.12 37.62 -30.82
N PRO B 274 24.32 38.59 -31.72
CA PRO B 274 23.58 38.69 -33.00
C PRO B 274 23.55 37.43 -33.87
N GLU B 275 24.66 36.69 -33.96
CA GLU B 275 24.73 35.41 -34.66
C GLU B 275 23.75 34.34 -34.12
N ASN B 276 23.38 34.42 -32.85
CA ASN B 276 22.54 33.46 -32.12
C ASN B 276 21.15 34.01 -31.80
N ARG B 277 20.90 35.31 -32.05
CA ARG B 277 19.72 36.05 -31.60
C ARG B 277 18.43 35.62 -32.29
N ALA B 278 18.50 35.31 -33.58
CA ALA B 278 17.39 34.77 -34.36
C ALA B 278 16.97 33.37 -33.90
N LYS B 279 17.94 32.47 -33.65
CA LYS B 279 17.71 31.10 -33.16
C LYS B 279 17.12 31.09 -31.76
N VAL B 280 17.63 31.94 -30.86
CA VAL B 280 17.15 32.11 -29.48
C VAL B 280 15.74 32.71 -29.42
N GLY B 281 15.41 33.64 -30.31
CA GLY B 281 14.09 34.27 -30.34
C GLY B 281 12.93 33.29 -30.38
N GLY B 282 12.97 32.29 -31.26
CA GLY B 282 11.90 31.30 -31.40
C GLY B 282 11.69 30.42 -30.16
N ILE B 283 12.77 30.07 -29.45
CA ILE B 283 12.70 29.37 -28.17
C ILE B 283 11.98 30.26 -27.15
N MET B 284 12.35 31.54 -27.07
CA MET B 284 11.80 32.47 -26.10
C MET B 284 10.36 32.89 -26.40
N ILE B 285 9.98 33.10 -27.65
CA ILE B 285 8.58 33.35 -28.04
C ILE B 285 7.72 32.14 -27.69
N SER B 286 8.13 30.99 -28.20
CA SER B 286 7.44 29.75 -27.90
C SER B 286 7.27 29.73 -26.41
N ALA B 287 8.33 29.93 -25.63
CA ALA B 287 8.29 29.81 -24.16
C ALA B 287 7.45 30.90 -23.51
N ALA B 288 7.34 32.12 -24.06
CA ALA B 288 6.55 33.27 -23.53
C ALA B 288 5.07 33.09 -23.81
N LEU B 289 4.70 32.46 -24.90
CA LEU B 289 3.31 32.09 -25.23
C LEU B 289 2.82 30.90 -24.42
N THR B 290 3.68 29.93 -24.12
CA THR B 290 3.34 28.83 -23.21
C THR B 290 3.02 29.34 -21.81
N SER B 291 3.84 30.24 -21.26
CA SER B 291 3.58 30.85 -19.95
C SER B 291 2.32 31.71 -19.96
N PHE B 292 2.16 32.56 -20.96
CA PHE B 292 1.03 33.46 -21.09
C PHE B 292 -0.31 32.74 -21.25
N LEU B 293 -0.41 31.73 -22.13
CA LEU B 293 -1.68 31.07 -22.41
C LEU B 293 -2.08 30.05 -21.36
N THR B 294 -1.10 29.22 -20.99
CA THR B 294 -1.33 28.09 -20.12
C THR B 294 -0.77 28.06 -18.73
N GLY B 295 0.08 28.99 -18.41
CA GLY B 295 0.71 29.12 -17.11
C GLY B 295 1.75 28.05 -16.80
N ILE B 296 2.22 27.29 -17.78
CA ILE B 296 3.39 26.41 -17.63
C ILE B 296 4.66 27.23 -17.82
N THR B 297 5.51 27.30 -16.81
CA THR B 297 6.61 28.26 -16.72
C THR B 297 8.00 27.66 -16.89
N GLU B 298 8.24 26.38 -16.87
CA GLU B 298 9.61 25.82 -16.99
C GLU B 298 10.36 26.03 -18.26
N PRO B 299 9.71 26.07 -19.39
CA PRO B 299 10.55 26.38 -20.55
C PRO B 299 11.20 27.77 -20.52
N ILE B 300 10.63 28.74 -19.79
CA ILE B 300 11.29 30.03 -19.51
C ILE B 300 12.20 29.91 -18.28
N GLU B 301 11.75 29.35 -17.16
CA GLU B 301 12.58 29.22 -15.95
C GLU B 301 13.86 28.42 -16.20
N PHE B 302 13.76 27.21 -16.73
CA PHE B 302 14.91 26.34 -17.00
C PHE B 302 15.88 26.91 -18.06
N SER B 303 15.49 27.94 -18.83
CA SER B 303 16.37 28.58 -19.79
C SER B 303 17.50 29.42 -19.14
N PHE B 304 17.31 29.96 -17.93
CA PHE B 304 18.32 30.77 -17.23
C PHE B 304 18.70 30.24 -15.84
N MET B 305 17.84 29.44 -15.21
CA MET B 305 17.92 29.01 -13.80
C MET B 305 19.25 28.45 -13.32
N PHE B 306 19.93 27.62 -14.12
CA PHE B 306 21.20 26.99 -13.72
C PHE B 306 22.44 27.83 -14.07
N VAL B 307 22.41 28.53 -15.19
CA VAL B 307 23.55 29.33 -15.69
C VAL B 307 23.57 30.76 -15.14
N ALA B 308 22.46 31.23 -14.58
CA ALA B 308 22.29 32.53 -13.96
C ALA B 308 21.43 32.47 -12.68
N PRO B 309 21.84 31.77 -11.60
CA PRO B 309 21.05 31.60 -10.38
C PRO B 309 20.62 32.90 -9.69
N ILE B 310 21.35 34.01 -9.83
CA ILE B 310 20.94 35.31 -9.31
C ILE B 310 19.61 35.81 -9.88
N LEU B 311 19.35 35.57 -11.18
CA LEU B 311 18.07 35.90 -11.81
C LEU B 311 16.93 35.08 -11.25
N TYR B 312 17.20 33.84 -10.84
CA TYR B 312 16.20 32.98 -10.24
C TYR B 312 15.88 33.36 -8.79
N ILE B 313 16.86 33.82 -8.01
CA ILE B 313 16.65 34.35 -6.66
C ILE B 313 15.80 35.63 -6.72
N ILE B 314 16.10 36.56 -7.63
CA ILE B 314 15.27 37.76 -7.85
C ILE B 314 13.84 37.39 -8.27
N HIS B 315 13.69 36.47 -9.23
CA HIS B 315 12.39 35.94 -9.63
C HIS B 315 11.63 35.30 -8.47
N ALA B 316 12.26 34.46 -7.63
CA ALA B 316 11.56 33.87 -6.49
C ALA B 316 11.07 34.91 -5.48
N ILE B 317 11.84 35.98 -5.22
CA ILE B 317 11.42 37.12 -4.41
C ILE B 317 10.23 37.82 -5.05
N LEU B 318 10.30 38.18 -6.33
CA LEU B 318 9.21 38.87 -7.03
C LEU B 318 7.95 38.00 -7.20
N ALA B 319 8.09 36.70 -7.37
CA ALA B 319 6.99 35.75 -7.38
C ALA B 319 6.34 35.61 -6.00
N GLY B 320 7.11 35.63 -4.91
CA GLY B 320 6.57 35.71 -3.56
C GLY B 320 5.80 37.01 -3.32
N LEU B 321 6.40 38.17 -3.56
CA LEU B 321 5.78 39.48 -3.42
C LEU B 321 4.51 39.67 -4.26
N ALA B 322 4.30 38.91 -5.34
CA ALA B 322 3.08 38.96 -6.14
C ALA B 322 1.82 38.59 -5.38
N PHE B 323 1.88 37.66 -4.42
CA PHE B 323 0.70 37.23 -3.65
C PHE B 323 0.23 38.28 -2.62
N PRO B 324 1.10 38.87 -1.77
CA PRO B 324 0.81 40.08 -1.03
C PRO B 324 0.17 41.19 -1.85
N ILE B 325 0.69 41.53 -3.03
CA ILE B 325 0.19 42.65 -3.84
C ILE B 325 -1.27 42.44 -4.20
N CYS B 326 -1.65 41.26 -4.66
CA CYS B 326 -3.04 40.97 -4.96
C CYS B 326 -3.95 41.00 -3.74
N ILE B 327 -3.51 40.47 -2.59
CA ILE B 327 -4.32 40.45 -1.36
C ILE B 327 -4.49 41.87 -0.80
N LEU B 328 -3.45 42.71 -0.85
CA LEU B 328 -3.47 44.09 -0.38
C LEU B 328 -4.30 45.02 -1.28
N LEU B 329 -4.18 44.89 -2.60
CA LEU B 329 -5.00 45.65 -3.57
C LEU B 329 -6.44 45.13 -3.68
N GLY B 330 -6.70 43.88 -3.29
CA GLY B 330 -8.02 43.28 -3.30
C GLY B 330 -8.43 42.75 -4.67
N MET B 331 -7.47 42.27 -5.44
CA MET B 331 -7.67 41.72 -6.79
C MET B 331 -7.62 40.20 -6.72
N ARG B 332 -8.75 39.62 -7.13
CA ARG B 332 -8.90 38.16 -7.01
C ARG B 332 -9.27 37.53 -8.34
N ASP B 333 -8.77 36.35 -8.57
CA ASP B 333 -9.20 35.48 -9.65
C ASP B 333 -8.73 34.05 -9.38
N GLY B 334 -9.38 33.05 -9.95
CA GLY B 334 -9.15 31.65 -9.66
C GLY B 334 -8.18 30.97 -10.63
N THR B 335 -7.64 29.84 -10.21
CA THR B 335 -6.98 28.88 -11.10
C THR B 335 -7.55 27.48 -10.86
N SER B 336 -7.58 26.67 -11.91
CA SER B 336 -7.92 25.24 -11.88
C SER B 336 -6.78 24.40 -12.46
N PHE B 337 -5.85 25.01 -13.21
CA PHE B 337 -4.66 24.37 -13.75
C PHE B 337 -3.38 25.16 -13.42
N SER B 338 -3.24 26.34 -13.98
CA SER B 338 -2.20 27.31 -13.66
C SER B 338 -2.58 28.68 -14.21
N HIS B 339 -1.92 29.75 -13.76
CA HIS B 339 -2.25 31.14 -14.02
C HIS B 339 -1.88 31.65 -15.42
N GLY B 340 -2.42 31.03 -16.46
CA GLY B 340 -2.39 31.55 -17.82
C GLY B 340 -3.73 32.18 -18.21
N LEU B 341 -3.79 32.75 -19.41
CA LEU B 341 -4.95 33.44 -19.95
C LEU B 341 -6.22 32.57 -19.99
N ILE B 342 -6.07 31.25 -20.17
CA ILE B 342 -7.20 30.32 -20.16
C ILE B 342 -7.89 30.34 -18.79
N ASP B 343 -7.18 30.10 -17.69
CA ASP B 343 -7.78 30.19 -16.35
C ASP B 343 -8.28 31.60 -16.01
N PHE B 344 -7.53 32.64 -16.39
CA PHE B 344 -7.91 34.04 -16.18
C PHE B 344 -9.27 34.38 -16.82
N ILE B 345 -9.54 33.96 -18.06
CA ILE B 345 -10.85 34.21 -18.68
C ILE B 345 -11.92 33.25 -18.12
N VAL B 346 -11.62 31.95 -18.00
CA VAL B 346 -12.60 30.93 -17.59
C VAL B 346 -13.14 31.14 -16.17
N LEU B 347 -12.29 31.49 -15.21
CA LEU B 347 -12.67 31.60 -13.79
C LEU B 347 -13.02 33.02 -13.35
N SER B 348 -13.18 33.95 -14.30
CA SER B 348 -13.45 35.37 -14.05
C SER B 348 -14.78 35.69 -13.39
N GLY B 349 -15.75 34.78 -13.34
CA GLY B 349 -17.09 35.07 -12.82
C GLY B 349 -17.13 35.42 -11.33
N ASN B 350 -16.33 34.75 -10.50
CA ASN B 350 -16.22 35.03 -9.06
C ASN B 350 -15.17 36.12 -8.72
N SER B 351 -14.56 36.76 -9.72
CA SER B 351 -13.41 37.65 -9.55
C SER B 351 -13.73 38.98 -8.86
N SER B 352 -12.69 39.67 -8.40
CA SER B 352 -12.76 41.04 -7.90
C SER B 352 -11.65 41.90 -8.52
N LYS B 353 -11.97 43.14 -8.91
CA LYS B 353 -11.05 44.12 -9.52
C LYS B 353 -10.21 43.58 -10.69
N LEU B 354 -10.83 42.78 -11.57
CA LEU B 354 -10.14 42.06 -12.65
C LEU B 354 -9.32 42.97 -13.57
N TRP B 355 -9.76 44.21 -13.76
CA TRP B 355 -9.10 45.25 -14.52
C TRP B 355 -7.73 45.67 -13.94
N LEU B 356 -7.39 45.37 -12.69
CA LEU B 356 -6.05 45.61 -12.13
C LEU B 356 -4.98 44.62 -12.58
N PHE B 357 -5.31 43.41 -13.04
CA PHE B 357 -4.29 42.47 -13.48
C PHE B 357 -3.47 42.97 -14.68
N PRO B 358 -4.06 43.52 -15.76
CA PRO B 358 -3.32 44.27 -16.77
C PRO B 358 -2.45 45.42 -16.24
N ILE B 359 -2.96 46.22 -15.29
CA ILE B 359 -2.29 47.43 -14.79
C ILE B 359 -1.08 47.09 -13.89
N VAL B 360 -1.21 46.12 -12.98
CA VAL B 360 -0.10 45.65 -12.15
C VAL B 360 0.84 44.74 -12.96
N GLY B 361 0.28 43.98 -13.91
CA GLY B 361 1.00 43.17 -14.87
C GLY B 361 1.98 43.94 -15.75
N ILE B 362 1.61 45.09 -16.32
CA ILE B 362 2.58 45.92 -17.06
C ILE B 362 3.71 46.45 -16.16
N GLY B 363 3.46 46.66 -14.86
CA GLY B 363 4.50 46.88 -13.87
C GLY B 363 5.45 45.69 -13.70
N TYR B 364 4.91 44.48 -13.54
CA TYR B 364 5.69 43.24 -13.50
C TYR B 364 6.49 43.00 -14.80
N ALA B 365 5.93 43.31 -15.96
CA ALA B 365 6.63 43.24 -17.22
C ALA B 365 7.80 44.23 -17.27
N ILE B 366 7.60 45.50 -16.88
CA ILE B 366 8.68 46.49 -16.86
C ILE B 366 9.79 46.08 -15.88
N VAL B 367 9.44 45.61 -14.69
CA VAL B 367 10.40 45.17 -13.67
C VAL B 367 11.21 43.95 -14.11
N TYR B 368 10.57 42.85 -14.53
CA TYR B 368 11.30 41.67 -14.99
C TYR B 368 12.14 41.96 -16.23
N TYR B 369 11.63 42.67 -17.23
CA TYR B 369 12.41 43.01 -18.41
C TYR B 369 13.67 43.81 -18.07
N THR B 370 13.52 44.89 -17.30
CA THR B 370 14.64 45.79 -17.00
C THR B 370 15.65 45.16 -16.05
N ILE B 371 15.24 44.33 -15.09
CA ILE B 371 16.17 43.55 -14.26
C ILE B 371 17.00 42.63 -15.14
N PHE B 372 16.36 41.82 -15.99
CA PHE B 372 17.06 40.83 -16.79
C PHE B 372 17.98 41.47 -17.83
N ARG B 373 17.52 42.42 -18.61
CA ARG B 373 18.43 43.11 -19.57
C ARG B 373 19.68 43.70 -18.86
N VAL B 374 19.54 44.40 -17.73
CA VAL B 374 20.64 45.06 -17.02
C VAL B 374 21.60 44.04 -16.42
N LEU B 375 21.10 43.08 -15.62
CA LEU B 375 21.96 42.10 -14.96
C LEU B 375 22.67 41.17 -15.94
N ILE B 376 22.04 40.76 -17.04
CA ILE B 376 22.68 39.88 -18.02
C ILE B 376 23.88 40.54 -18.67
N LYS B 377 23.77 41.81 -19.08
CA LYS B 377 24.92 42.59 -19.59
C LYS B 377 25.96 42.85 -18.51
N ALA B 378 25.54 43.38 -17.36
CA ALA B 378 26.44 43.88 -16.32
C ALA B 378 27.28 42.78 -15.69
N LEU B 379 26.67 41.63 -15.36
CA LEU B 379 27.35 40.50 -14.74
C LEU B 379 27.93 39.52 -15.78
N ASP B 380 27.74 39.80 -17.07
CA ASP B 380 28.01 38.90 -18.21
C ASP B 380 27.50 37.48 -17.98
N LEU B 381 26.21 37.36 -17.64
CA LEU B 381 25.57 36.06 -17.40
C LEU B 381 25.46 35.30 -18.72
N LYS B 382 25.80 34.01 -18.72
CA LYS B 382 25.81 33.18 -19.94
C LYS B 382 24.45 32.57 -20.24
N THR B 383 23.42 33.40 -20.27
CA THR B 383 22.05 33.07 -20.70
C THR B 383 22.02 32.63 -22.17
N PRO B 384 20.92 31.99 -22.66
CA PRO B 384 20.81 31.54 -24.05
C PRO B 384 21.30 32.55 -25.08
N GLY B 385 22.17 32.12 -25.97
CA GLY B 385 22.78 32.95 -27.01
C GLY B 385 24.04 33.68 -26.62
N ARG B 386 24.58 33.46 -25.42
CA ARG B 386 25.87 34.09 -24.98
C ARG B 386 26.77 33.00 -24.37
#